data_6IUD
#
_entry.id   6IUD
#
_cell.length_a   74.773
_cell.length_b   74.690
_cell.length_c   80.749
_cell.angle_alpha   71.540
_cell.angle_beta   71.590
_cell.angle_gamma   67.730
#
_symmetry.space_group_name_H-M   'P 1'
#
loop_
_entity.id
_entity.type
_entity.pdbx_description
1 polymer 'SpoOJ regulator (Soj)'
2 polymer "DNA (5'-D(P*TP*CP*CP*CP*TP*GP*TP*TP*TP*CP*AP*CP*GP*TP*GP*GP*AP*AP*CP*AP*CP*CP*CP*T)-3')"
3 polymer "DNA (5'-D(P*AP*GP*GP*GP*TP*GP*TP*TP*CP*CP*AP*CP*GP*TP*GP*AP*AP*AP*CP*AP*GP*GP*GP*A)-3')"
4 non-polymer "ADENOSINE-5'-DIPHOSPHATE"
5 non-polymer 'MAGNESIUM ION'
#
loop_
_entity_poly.entity_id
_entity_poly.type
_entity_poly.pdbx_seq_one_letter_code
_entity_poly.pdbx_strand_id
1 'polypeptide(L)'
;MRGSHHHHHHGSMMSEIIAVANQKGGVGKTTTAVNLAASLAVHEKKILLIDFDPQANATSSLGFRRDKIDYDIYHVLIGR
KQISQVILKTQMPFLDLVPSNLGLAGFEKTFYDSQDENKRGELMLKNALESVVGLYDYIIIDSPPALGPLTINSLSAAHS
VIIPIQCEFFALEGTKLLLNTIRMLQKSTNPKLKIRGFLPTMHVPQLNLTKGVLAELFKYFDSEFFRDSATGEYIMIPKS
VKLAESPSFGKPILLYDIKSNGSIAYQKLAQSILQG
;
A,B,C,D
2 'polydeoxyribonucleotide'
;(DT)(DC)(DC)(DC)(DT)(DG)(DT)(DT)(DT)(DC)(DA)(DC)(DG)(DT)(DG)(DG)(DA)(DA)(DC)(DA)
(DC)(DC)(DC)(DT)
;
E
3 'polydeoxyribonucleotide'
;(DA)(DG)(DG)(DG)(DT)(DG)(DT)(DT)(DC)(DC)(DA)(DC)(DG)(DT)(DG)(DA)(DA)(DA)(DC)(DA)
(DG)(DG)(DG)(DA)
;
F
#
# COMPACT_ATOMS: atom_id res chain seq x y z
N MET A 13 40.05 -24.42 21.76
CA MET A 13 39.58 -23.12 21.26
C MET A 13 40.24 -22.78 19.93
N MET A 14 39.48 -22.79 18.84
CA MET A 14 39.94 -22.17 17.60
C MET A 14 38.81 -21.35 16.99
N SER A 15 39.12 -20.11 16.61
CA SER A 15 38.14 -19.33 15.86
C SER A 15 38.28 -19.59 14.38
N GLU A 16 37.14 -19.76 13.71
CA GLU A 16 37.16 -19.70 12.26
C GLU A 16 37.11 -18.24 11.80
N ILE A 17 38.00 -17.90 10.87
CA ILE A 17 38.07 -16.55 10.34
C ILE A 17 37.43 -16.56 8.96
N ILE A 18 36.39 -15.74 8.83
CA ILE A 18 35.62 -15.62 7.61
C ILE A 18 35.74 -14.18 7.11
N ALA A 19 36.25 -14.01 5.91
CA ALA A 19 36.26 -12.71 5.26
C ALA A 19 35.01 -12.56 4.41
N VAL A 20 34.33 -11.43 4.51
CA VAL A 20 33.31 -11.08 3.53
C VAL A 20 33.90 -10.07 2.57
N ALA A 21 34.06 -10.51 1.32
CA ALA A 21 34.88 -9.83 0.35
C ALA A 21 34.21 -9.82 -1.02
N ASN A 22 34.42 -8.72 -1.72
CA ASN A 22 34.04 -8.49 -3.10
C ASN A 22 34.62 -7.14 -3.48
N GLN A 23 35.51 -7.12 -4.47
CA GLN A 23 36.09 -5.86 -4.96
C GLN A 23 35.01 -4.86 -5.32
N LYS A 24 33.88 -5.33 -5.86
CA LYS A 24 32.80 -4.43 -6.28
C LYS A 24 32.15 -3.80 -5.05
N GLY A 25 31.83 -2.53 -5.15
CA GLY A 25 31.14 -1.84 -4.09
C GLY A 25 29.65 -1.84 -4.27
N GLY A 26 28.94 -1.62 -3.16
CA GLY A 26 27.50 -1.62 -3.10
C GLY A 26 26.82 -2.97 -3.23
N VAL A 27 27.51 -4.07 -2.94
CA VAL A 27 26.95 -5.40 -3.19
C VAL A 27 26.49 -6.10 -1.92
N GLY A 28 26.53 -5.43 -0.77
CA GLY A 28 26.06 -6.02 0.47
C GLY A 28 27.10 -6.61 1.39
N LYS A 29 28.39 -6.27 1.25
CA LYS A 29 29.39 -6.86 2.15
C LYS A 29 29.15 -6.42 3.59
N THR A 30 28.96 -5.11 3.78
CA THR A 30 28.86 -4.61 5.15
C THR A 30 27.55 -5.05 5.79
N THR A 31 26.46 -5.04 5.02
CA THR A 31 25.18 -5.53 5.49
C THR A 31 25.27 -6.99 5.91
N THR A 32 25.96 -7.80 5.11
CA THR A 32 26.15 -9.21 5.39
C THR A 32 27.02 -9.42 6.61
N ALA A 33 28.14 -8.73 6.68
CA ALA A 33 29.06 -8.91 7.79
C ALA A 33 28.36 -8.59 9.10
N VAL A 34 27.74 -7.41 9.17
CA VAL A 34 27.08 -7.01 10.40
C VAL A 34 25.97 -8.00 10.76
N ASN A 35 25.08 -8.31 9.81
CA ASN A 35 23.92 -9.10 10.23
C ASN A 35 24.24 -10.59 10.39
N LEU A 36 25.25 -11.10 9.68
CA LEU A 36 25.72 -12.45 9.97
C LEU A 36 26.37 -12.52 11.32
N ALA A 37 27.17 -11.51 11.69
CA ALA A 37 27.78 -11.48 13.03
C ALA A 37 26.70 -11.53 14.12
N ALA A 38 25.69 -10.66 14.00
CA ALA A 38 24.61 -10.65 14.99
C ALA A 38 23.84 -11.97 14.97
N SER A 39 23.68 -12.57 13.78
CA SER A 39 22.88 -13.78 13.71
C SER A 39 23.62 -14.98 14.28
N LEU A 40 24.94 -14.95 14.25
CA LEU A 40 25.72 -15.97 14.89
C LEU A 40 25.81 -15.74 16.40
N ALA A 41 25.78 -14.48 16.83
CA ALA A 41 25.83 -14.23 18.27
C ALA A 41 24.56 -14.74 18.96
N VAL A 42 23.40 -14.56 18.33
CA VAL A 42 22.17 -15.03 18.98
C VAL A 42 22.20 -16.54 19.27
N HIS A 43 22.89 -17.36 18.46
CA HIS A 43 23.03 -18.77 18.82
C HIS A 43 24.12 -19.00 19.89
N GLU A 44 24.31 -18.01 20.78
CA GLU A 44 25.30 -18.05 21.85
C GLU A 44 26.65 -18.55 21.32
N LYS A 45 27.16 -17.84 20.34
CA LYS A 45 28.55 -17.94 19.93
C LYS A 45 29.18 -16.56 20.09
N LYS A 46 30.48 -16.54 20.41
CA LYS A 46 31.20 -15.29 20.62
C LYS A 46 31.81 -14.79 19.31
N ILE A 47 31.48 -13.54 18.94
CA ILE A 47 31.72 -13.03 17.60
C ILE A 47 32.62 -11.81 17.67
N LEU A 48 33.64 -11.77 16.81
CA LEU A 48 34.43 -10.56 16.66
C LEU A 48 34.31 -10.07 15.24
N LEU A 49 33.75 -8.89 15.08
CA LEU A 49 33.65 -8.28 13.77
C LEU A 49 34.73 -7.22 13.63
N ILE A 50 35.38 -7.23 12.48
CA ILE A 50 36.50 -6.36 12.19
C ILE A 50 36.08 -5.49 11.01
N ASP A 51 35.88 -4.19 11.27
CA ASP A 51 35.68 -3.30 10.15
C ASP A 51 37.02 -3.05 9.49
N PHE A 52 37.22 -3.57 8.27
CA PHE A 52 38.47 -3.38 7.57
C PHE A 52 38.34 -2.38 6.43
N ASP A 53 37.39 -1.46 6.53
CA ASP A 53 37.16 -0.51 5.48
C ASP A 53 37.26 0.89 6.03
N PRO A 54 38.08 1.76 5.44
CA PRO A 54 38.29 3.11 6.04
C PRO A 54 37.02 3.95 6.21
N GLN A 55 36.06 3.87 5.28
CA GLN A 55 34.80 4.60 5.47
C GLN A 55 34.04 4.09 6.69
N ALA A 56 34.21 2.81 7.04
CA ALA A 56 33.79 2.27 8.34
C ALA A 56 32.27 2.17 8.50
N ASN A 57 31.61 1.61 7.48
CA ASN A 57 30.16 1.47 7.59
C ASN A 57 29.75 0.46 8.63
N ALA A 58 30.52 -0.62 8.84
CA ALA A 58 30.11 -1.62 9.82
C ALA A 58 30.07 -1.00 11.21
N THR A 59 31.12 -0.26 11.54
CA THR A 59 31.19 0.47 12.78
C THR A 59 29.98 1.39 12.95
N SER A 60 29.71 2.24 11.95
CA SER A 60 28.58 3.16 12.06
C SER A 60 27.25 2.42 12.18
N SER A 61 27.11 1.28 11.49
CA SER A 61 25.89 0.51 11.53
C SER A 61 25.67 -0.16 12.89
N LEU A 62 26.71 -0.27 13.70
CA LEU A 62 26.53 -0.73 15.06
C LEU A 62 26.45 0.44 16.06
N GLY A 63 26.32 1.66 15.58
CA GLY A 63 26.06 2.76 16.46
C GLY A 63 27.30 3.46 16.99
N PHE A 64 28.49 3.10 16.53
CA PHE A 64 29.69 3.81 16.95
C PHE A 64 30.00 4.85 15.88
N ARG A 65 29.80 6.13 16.20
CA ARG A 65 30.08 7.20 15.25
C ARG A 65 31.57 7.47 15.31
N ARG A 66 32.20 7.58 14.14
CA ARG A 66 33.65 7.45 14.12
C ARG A 66 34.36 8.75 14.46
N ASP A 67 33.61 9.80 14.75
CA ASP A 67 34.13 10.89 15.57
C ASP A 67 34.55 10.35 16.95
N LYS A 68 33.75 9.44 17.54
CA LYS A 68 34.00 8.91 18.88
C LYS A 68 35.18 7.96 18.98
N ILE A 69 35.62 7.32 17.87
CA ILE A 69 36.66 6.30 17.99
C ILE A 69 38.03 6.94 18.10
N ASP A 70 38.84 6.40 19.00
CA ASP A 70 40.18 6.89 19.33
C ASP A 70 41.23 6.06 18.64
N TYR A 71 41.22 4.75 18.86
CA TYR A 71 42.22 3.86 18.28
C TYR A 71 41.59 2.83 17.35
N ASP A 72 42.16 2.74 16.14
CA ASP A 72 41.58 2.02 15.02
C ASP A 72 42.16 0.62 14.95
N ILE A 73 41.66 -0.15 13.97
CA ILE A 73 42.41 -1.31 13.53
C ILE A 73 43.78 -0.89 12.98
N TYR A 74 43.82 0.27 12.30
CA TYR A 74 45.05 0.73 11.69
C TYR A 74 46.17 0.85 12.72
N HIS A 75 45.87 1.46 13.87
CA HIS A 75 46.84 1.53 14.96
C HIS A 75 47.37 0.15 15.30
N VAL A 76 46.51 -0.87 15.25
CA VAL A 76 46.99 -2.20 15.55
C VAL A 76 47.91 -2.71 14.43
N LEU A 77 47.56 -2.45 13.16
CA LEU A 77 48.39 -2.94 12.07
C LEU A 77 49.79 -2.31 12.12
N ILE A 78 49.87 -1.07 12.63
CA ILE A 78 51.12 -0.38 12.85
C ILE A 78 51.91 -0.95 14.03
N GLY A 79 51.27 -1.76 14.87
CA GLY A 79 51.87 -2.21 16.10
C GLY A 79 51.75 -1.17 17.19
N ARG A 80 51.21 0.01 16.86
CA ARG A 80 50.93 1.15 17.73
C ARG A 80 50.03 0.78 18.88
N LYS A 81 49.23 -0.28 18.72
CA LYS A 81 48.42 -0.86 19.77
C LYS A 81 48.29 -2.36 19.53
N GLN A 82 47.73 -3.05 20.52
CA GLN A 82 47.43 -4.47 20.43
C GLN A 82 45.93 -4.59 20.25
N ILE A 83 45.52 -5.65 19.56
CA ILE A 83 44.12 -5.73 19.16
C ILE A 83 43.21 -5.78 20.40
N SER A 84 43.73 -6.29 21.52
CA SER A 84 42.94 -6.34 22.74
C SER A 84 42.58 -4.95 23.27
N GLN A 85 43.31 -3.90 22.91
CA GLN A 85 42.98 -2.57 23.40
C GLN A 85 41.99 -1.83 22.51
N VAL A 86 41.82 -2.26 21.26
CA VAL A 86 40.94 -1.57 20.34
C VAL A 86 39.53 -2.13 20.34
N ILE A 87 39.35 -3.38 20.80
CA ILE A 87 38.06 -4.04 20.79
C ILE A 87 37.02 -3.21 21.53
N LEU A 88 35.76 -3.27 21.06
CA LEU A 88 34.64 -2.60 21.69
C LEU A 88 33.47 -3.55 21.79
N LYS A 89 32.71 -3.40 22.86
CA LYS A 89 31.55 -4.25 23.00
C LYS A 89 30.29 -3.56 22.49
N THR A 90 29.36 -4.37 21.99
CA THR A 90 28.18 -3.92 21.28
C THR A 90 26.98 -4.08 22.16
N GLN A 91 25.84 -3.64 21.66
CA GLN A 91 24.58 -3.81 22.38
C GLN A 91 24.29 -5.29 22.65
N MET A 92 24.90 -6.22 21.89
CA MET A 92 24.87 -7.66 22.10
C MET A 92 26.12 -8.14 22.81
N PRO A 93 25.96 -8.91 23.89
CA PRO A 93 27.15 -9.35 24.65
C PRO A 93 28.05 -10.29 23.88
N PHE A 94 27.52 -11.03 22.90
CA PHE A 94 28.34 -12.00 22.19
C PHE A 94 28.86 -11.45 20.88
N LEU A 95 28.89 -10.13 20.70
CA LEU A 95 29.35 -9.50 19.46
C LEU A 95 30.25 -8.34 19.88
N ASP A 96 31.53 -8.47 19.66
CA ASP A 96 32.39 -7.32 19.82
C ASP A 96 32.94 -6.92 18.46
N LEU A 97 33.52 -5.73 18.42
CA LEU A 97 33.89 -5.06 17.19
C LEU A 97 35.28 -4.46 17.33
N VAL A 98 36.13 -4.71 16.34
CA VAL A 98 37.32 -3.86 16.11
C VAL A 98 36.91 -2.80 15.11
N PRO A 99 36.81 -1.53 15.52
CA PRO A 99 36.32 -0.47 14.63
C PRO A 99 37.35 -0.04 13.60
N SER A 100 36.86 0.75 12.65
CA SER A 100 37.69 1.35 11.62
C SER A 100 37.50 2.86 11.61
N ASN A 101 38.26 3.49 10.73
CA ASN A 101 38.32 4.93 10.61
C ASN A 101 39.18 5.23 9.39
N LEU A 102 39.03 6.45 8.85
CA LEU A 102 39.71 6.75 7.60
C LEU A 102 41.23 6.69 7.70
N GLY A 103 41.79 6.64 8.90
CA GLY A 103 43.23 6.49 9.03
C GLY A 103 43.75 5.23 8.38
N LEU A 104 42.92 4.19 8.29
CA LEU A 104 43.38 2.97 7.67
C LEU A 104 43.64 3.16 6.18
N ALA A 105 43.12 4.23 5.61
CA ALA A 105 43.49 4.60 4.24
C ALA A 105 44.97 4.92 4.10
N GLY A 106 45.70 5.07 5.22
CA GLY A 106 47.14 5.16 5.09
C GLY A 106 47.78 3.83 4.73
N PHE A 107 47.09 2.73 5.02
CA PHE A 107 47.69 1.39 5.00
C PHE A 107 48.22 1.02 3.63
N GLU A 108 47.56 1.49 2.60
CA GLU A 108 47.98 1.29 1.23
C GLU A 108 49.45 1.69 1.04
N LYS A 109 49.82 2.89 1.50
CA LYS A 109 51.23 3.22 1.38
C LYS A 109 52.08 2.28 2.23
N THR A 110 51.70 2.04 3.49
CA THR A 110 52.52 1.14 4.29
C THR A 110 52.69 -0.19 3.56
N PHE A 111 51.62 -0.70 2.94
CA PHE A 111 51.73 -2.02 2.28
C PHE A 111 52.92 -2.05 1.32
N TYR A 112 53.04 -1.01 0.46
CA TYR A 112 54.09 -1.00 -0.55
C TYR A 112 55.45 -0.75 0.06
N ASP A 113 55.52 0.09 1.10
CA ASP A 113 56.74 0.19 1.88
C ASP A 113 57.16 -1.19 2.38
N SER A 114 56.20 -1.99 2.83
CA SER A 114 56.50 -3.36 3.23
C SER A 114 57.06 -4.14 2.06
N GLN A 115 56.44 -4.00 0.88
CA GLN A 115 56.89 -4.77 -0.27
C GLN A 115 58.31 -4.39 -0.64
N ASP A 116 58.68 -3.16 -0.30
CA ASP A 116 60.02 -2.68 -0.62
C ASP A 116 61.09 -3.51 0.03
N GLU A 117 60.84 -3.96 1.25
CA GLU A 117 61.92 -4.56 2.00
C GLU A 117 61.72 -6.03 2.31
N ASN A 118 60.48 -6.51 2.49
CA ASN A 118 60.34 -7.55 3.50
C ASN A 118 59.56 -8.82 3.24
N LYS A 119 58.83 -9.02 2.14
CA LYS A 119 57.98 -10.21 1.89
C LYS A 119 56.91 -10.41 2.99
N ARG A 120 56.56 -9.30 3.72
CA ARG A 120 55.70 -9.24 4.92
C ARG A 120 54.28 -8.74 4.80
N GLY A 121 53.98 -7.79 3.93
CA GLY A 121 52.83 -6.96 4.17
C GLY A 121 51.47 -7.61 3.96
N GLU A 122 51.43 -8.81 3.39
CA GLU A 122 50.18 -9.53 3.14
C GLU A 122 49.56 -10.09 4.40
N LEU A 123 50.34 -10.19 5.46
CA LEU A 123 49.91 -10.90 6.66
C LEU A 123 49.83 -9.97 7.85
N MET A 124 49.82 -8.64 7.62
CA MET A 124 49.70 -7.69 8.73
C MET A 124 48.42 -7.87 9.49
N LEU A 125 47.35 -8.31 8.82
CA LEU A 125 46.14 -8.66 9.55
C LEU A 125 46.25 -10.00 10.23
N LYS A 126 46.81 -11.04 9.56
CA LYS A 126 46.93 -12.34 10.21
C LYS A 126 47.69 -12.23 11.53
N ASN A 127 48.80 -11.49 11.49
CA ASN A 127 49.63 -11.26 12.67
C ASN A 127 48.88 -10.43 13.71
N ALA A 128 48.12 -9.42 13.28
CA ALA A 128 47.36 -8.65 14.24
C ALA A 128 46.29 -9.50 14.92
N LEU A 129 45.86 -10.59 14.28
CA LEU A 129 44.76 -11.38 14.82
C LEU A 129 45.20 -12.44 15.80
N GLU A 130 46.47 -12.87 15.73
CA GLU A 130 46.87 -14.04 16.48
C GLU A 130 46.57 -13.91 17.95
N SER A 131 46.54 -12.67 18.46
CA SER A 131 46.30 -12.40 19.88
C SER A 131 44.97 -12.96 20.37
N VAL A 132 43.97 -13.08 19.50
CA VAL A 132 42.60 -13.34 19.93
C VAL A 132 41.93 -14.48 19.18
N VAL A 133 42.63 -15.14 18.26
CA VAL A 133 41.97 -16.17 17.48
C VAL A 133 41.45 -17.28 18.40
N GLY A 134 41.97 -17.38 19.60
CA GLY A 134 41.47 -18.36 20.56
C GLY A 134 40.48 -17.83 21.59
N LEU A 135 39.89 -16.66 21.39
CA LEU A 135 38.89 -16.18 22.35
C LEU A 135 37.57 -15.88 21.70
N TYR A 136 37.41 -16.26 20.43
CA TYR A 136 36.16 -16.11 19.71
C TYR A 136 35.84 -17.41 19.02
N ASP A 137 34.56 -17.63 18.78
CA ASP A 137 34.15 -18.69 17.87
C ASP A 137 34.37 -18.29 16.41
N TYR A 138 33.93 -17.10 16.04
CA TYR A 138 34.02 -16.62 14.67
C TYR A 138 34.55 -15.20 14.68
N ILE A 139 35.47 -14.95 13.76
CA ILE A 139 35.94 -13.61 13.46
C ILE A 139 35.50 -13.28 12.03
N ILE A 140 34.64 -12.28 11.87
CA ILE A 140 34.12 -11.85 10.59
C ILE A 140 34.71 -10.51 10.21
N ILE A 141 35.31 -10.49 9.02
CA ILE A 141 36.04 -9.34 8.52
C ILE A 141 35.23 -8.70 7.40
N ASP A 142 34.97 -7.39 7.52
CA ASP A 142 34.16 -6.69 6.52
C ASP A 142 35.14 -5.93 5.65
N SER A 143 35.24 -6.35 4.32
CA SER A 143 36.34 -5.87 3.52
C SER A 143 35.92 -4.65 2.71
N PRO A 144 36.90 -3.86 2.24
CA PRO A 144 36.61 -2.69 1.42
C PRO A 144 36.47 -3.07 -0.04
N PRO A 145 36.07 -2.13 -0.90
CA PRO A 145 35.86 -2.40 -2.33
C PRO A 145 37.02 -2.25 -3.32
N ALA A 146 37.89 -3.26 -3.35
CA ALA A 146 38.84 -3.44 -4.44
C ALA A 146 39.63 -4.74 -4.23
N LEU A 147 40.55 -5.03 -5.13
CA LEU A 147 41.54 -6.07 -4.90
C LEU A 147 42.88 -5.43 -4.54
N GLY A 148 42.79 -4.50 -3.58
CA GLY A 148 43.91 -3.72 -3.09
C GLY A 148 44.53 -4.34 -1.85
N PRO A 149 45.47 -3.60 -1.23
CA PRO A 149 46.19 -4.15 -0.06
C PRO A 149 45.30 -4.54 1.12
N LEU A 150 44.25 -3.77 1.37
CA LEU A 150 43.38 -4.11 2.49
C LEU A 150 42.63 -5.41 2.22
N THR A 151 42.08 -5.57 1.01
CA THR A 151 41.38 -6.82 0.73
C THR A 151 42.33 -8.01 0.68
N ILE A 152 43.56 -7.84 0.19
CA ILE A 152 44.50 -8.96 0.19
C ILE A 152 44.87 -9.34 1.62
N ASN A 153 45.04 -8.34 2.49
CA ASN A 153 45.23 -8.65 3.90
C ASN A 153 44.07 -9.46 4.43
N SER A 154 42.85 -9.05 4.06
CA SER A 154 41.64 -9.70 4.53
C SER A 154 41.59 -11.17 4.09
N LEU A 155 41.84 -11.41 2.81
CA LEU A 155 41.79 -12.78 2.31
C LEU A 155 42.97 -13.61 2.83
N SER A 156 44.10 -12.98 3.19
CA SER A 156 45.27 -13.74 3.66
C SER A 156 45.11 -14.17 5.11
N ALA A 157 44.20 -13.54 5.85
CA ALA A 157 43.97 -13.91 7.23
C ALA A 157 42.82 -14.88 7.40
N ALA A 158 42.07 -15.19 6.36
CA ALA A 158 40.79 -15.86 6.53
C ALA A 158 40.96 -17.35 6.31
N HIS A 159 40.16 -18.13 7.04
CA HIS A 159 40.00 -19.53 6.68
C HIS A 159 39.05 -19.67 5.51
N SER A 160 38.01 -18.87 5.51
CA SER A 160 36.85 -18.99 4.65
C SER A 160 36.56 -17.60 4.09
N VAL A 161 35.90 -17.56 2.96
CA VAL A 161 35.50 -16.33 2.34
C VAL A 161 34.04 -16.47 1.93
N ILE A 162 33.24 -15.50 2.36
CA ILE A 162 31.86 -15.32 1.92
C ILE A 162 31.85 -14.27 0.81
N ILE A 163 31.27 -14.63 -0.33
CA ILE A 163 31.16 -13.73 -1.47
C ILE A 163 29.72 -13.35 -1.70
N PRO A 164 29.33 -12.16 -1.27
CA PRO A 164 27.99 -11.66 -1.55
C PRO A 164 27.93 -11.12 -2.97
N ILE A 165 26.89 -11.48 -3.71
CA ILE A 165 26.83 -11.19 -5.13
C ILE A 165 25.48 -10.54 -5.46
N GLN A 166 25.51 -9.33 -6.01
CA GLN A 166 24.28 -8.75 -6.51
C GLN A 166 24.13 -9.19 -7.96
N CYS A 167 22.93 -9.62 -8.35
CA CYS A 167 22.77 -10.38 -9.61
C CYS A 167 22.48 -9.45 -10.79
N GLU A 168 23.47 -8.64 -11.10
CA GLU A 168 23.44 -7.79 -12.27
C GLU A 168 24.68 -8.08 -13.08
N PHE A 169 24.79 -7.43 -14.25
CA PHE A 169 25.68 -7.93 -15.29
C PHE A 169 27.13 -8.00 -14.82
N PHE A 170 27.58 -6.99 -14.10
CA PHE A 170 29.00 -6.93 -13.81
C PHE A 170 29.43 -7.92 -12.74
N ALA A 171 28.48 -8.64 -12.16
CA ALA A 171 28.81 -9.69 -11.20
C ALA A 171 29.58 -10.80 -11.89
N LEU A 172 29.25 -11.06 -13.15
CA LEU A 172 29.92 -12.14 -13.91
C LEU A 172 31.44 -12.04 -13.88
N GLU A 173 31.98 -11.10 -14.65
CA GLU A 173 33.41 -10.81 -14.58
C GLU A 173 33.87 -10.53 -13.16
N GLY A 174 33.06 -9.81 -12.40
CA GLY A 174 33.51 -9.44 -11.09
C GLY A 174 33.92 -10.65 -10.30
N THR A 175 33.12 -11.70 -10.38
CA THR A 175 33.46 -12.93 -9.68
C THR A 175 34.76 -13.50 -10.21
N LYS A 176 34.88 -13.56 -11.54
CA LYS A 176 36.07 -14.16 -12.15
C LYS A 176 37.33 -13.54 -11.57
N LEU A 177 37.42 -12.21 -11.63
CA LEU A 177 38.59 -11.54 -11.09
C LEU A 177 38.82 -11.92 -9.63
N LEU A 178 37.76 -11.82 -8.81
CA LEU A 178 37.83 -12.18 -7.39
C LEU A 178 38.38 -13.59 -7.19
N LEU A 179 37.84 -14.57 -7.93
CA LEU A 179 38.27 -15.95 -7.71
C LEU A 179 39.72 -16.14 -8.07
N ASN A 180 40.19 -15.43 -9.11
CA ASN A 180 41.56 -15.63 -9.50
C ASN A 180 42.46 -15.08 -8.42
N THR A 181 42.01 -13.97 -7.82
CA THR A 181 42.74 -13.39 -6.71
C THR A 181 42.85 -14.38 -5.57
N ILE A 182 41.78 -15.14 -5.30
CA ILE A 182 41.84 -16.11 -4.21
C ILE A 182 42.84 -17.22 -4.52
N ARG A 183 42.81 -17.70 -5.75
CA ARG A 183 43.55 -18.90 -6.09
C ARG A 183 45.04 -18.63 -6.22
N MET A 184 45.39 -17.41 -6.57
CA MET A 184 46.78 -16.99 -6.48
C MET A 184 47.22 -16.97 -5.03
N LEU A 185 46.37 -16.46 -4.15
CA LEU A 185 46.75 -16.54 -2.75
C LEU A 185 46.63 -17.97 -2.26
N GLN A 186 45.78 -18.81 -2.88
CA GLN A 186 45.80 -20.20 -2.42
C GLN A 186 47.12 -20.85 -2.75
N LYS A 187 47.81 -20.36 -3.77
CA LYS A 187 49.15 -20.87 -4.04
C LYS A 187 50.22 -20.01 -3.38
N SER A 188 49.88 -18.83 -2.92
CA SER A 188 50.81 -17.89 -2.35
C SER A 188 51.02 -18.06 -0.86
N THR A 189 50.30 -17.22 -0.14
CA THR A 189 50.33 -16.99 1.30
C THR A 189 49.46 -17.88 2.15
N ASN A 190 48.25 -18.10 1.69
CA ASN A 190 47.22 -18.70 2.48
C ASN A 190 46.74 -19.93 1.72
N PRO A 191 47.39 -21.07 1.90
CA PRO A 191 47.06 -22.25 1.09
C PRO A 191 45.75 -22.84 1.55
N LYS A 192 45.37 -22.55 2.83
CA LYS A 192 44.11 -23.08 3.40
C LYS A 192 42.88 -22.25 3.04
N LEU A 193 42.99 -21.28 2.13
CA LEU A 193 41.84 -20.43 1.87
C LEU A 193 40.69 -21.23 1.26
N LYS A 194 39.54 -21.11 1.86
CA LYS A 194 38.37 -21.79 1.35
C LYS A 194 37.28 -20.81 1.01
N ILE A 195 36.48 -21.15 0.01
CA ILE A 195 35.23 -20.45 -0.27
C ILE A 195 34.15 -21.09 0.56
N ARG A 196 33.55 -20.31 1.47
CA ARG A 196 32.50 -20.86 2.30
C ARG A 196 31.15 -20.75 1.62
N GLY A 197 31.01 -19.81 0.69
CA GLY A 197 29.81 -19.75 -0.09
C GLY A 197 29.66 -18.47 -0.85
N PHE A 198 28.93 -18.55 -1.95
CA PHE A 198 28.34 -17.41 -2.63
C PHE A 198 26.97 -17.08 -2.00
N LEU A 199 26.67 -15.79 -1.87
CA LEU A 199 25.41 -15.36 -1.26
C LEU A 199 24.76 -14.27 -2.10
N PRO A 200 23.67 -14.55 -2.80
CA PRO A 200 23.03 -13.48 -3.58
C PRO A 200 22.33 -12.49 -2.66
N THR A 201 22.62 -11.21 -2.86
CA THR A 201 22.13 -10.12 -2.04
C THR A 201 21.24 -9.24 -2.90
N MET A 202 20.39 -8.45 -2.23
CA MET A 202 19.45 -7.54 -2.90
C MET A 202 18.71 -8.26 -4.02
N HIS A 203 18.33 -9.50 -3.72
CA HIS A 203 17.84 -10.44 -4.71
C HIS A 203 16.36 -10.19 -4.98
N VAL A 204 16.04 -9.90 -6.24
CA VAL A 204 14.69 -9.73 -6.72
C VAL A 204 14.43 -10.86 -7.71
N PRO A 205 13.75 -11.95 -7.29
CA PRO A 205 13.76 -13.16 -8.13
C PRO A 205 13.03 -13.03 -9.45
N GLN A 206 12.09 -12.09 -9.61
CA GLN A 206 11.33 -12.10 -10.86
C GLN A 206 12.01 -11.38 -12.03
N LEU A 207 13.05 -10.60 -11.79
CA LEU A 207 13.64 -9.84 -12.88
C LEU A 207 14.38 -10.74 -13.84
N ASN A 208 14.24 -10.47 -15.14
CA ASN A 208 14.89 -11.33 -16.10
C ASN A 208 16.41 -11.26 -15.95
N LEU A 209 16.95 -10.08 -15.71
CA LEU A 209 18.40 -10.00 -15.60
C LEU A 209 18.89 -10.85 -14.44
N THR A 210 18.12 -10.89 -13.35
CA THR A 210 18.51 -11.68 -12.18
C THR A 210 18.49 -13.15 -12.51
N LYS A 211 17.44 -13.60 -13.22
CA LYS A 211 17.39 -15.00 -13.62
C LYS A 211 18.56 -15.36 -14.53
N GLY A 212 18.92 -14.48 -15.49
CA GLY A 212 20.03 -14.78 -16.39
C GLY A 212 21.40 -14.73 -15.71
N VAL A 213 21.61 -13.72 -14.83
CA VAL A 213 22.89 -13.62 -14.15
C VAL A 213 23.08 -14.82 -13.22
N LEU A 214 22.04 -15.20 -12.49
CA LEU A 214 22.15 -16.38 -11.64
C LEU A 214 22.32 -17.64 -12.47
N ALA A 215 21.68 -17.74 -13.63
CA ALA A 215 21.86 -18.96 -14.43
C ALA A 215 23.31 -19.09 -14.87
N GLU A 216 23.87 -17.99 -15.35
CA GLU A 216 25.26 -17.98 -15.79
C GLU A 216 26.22 -18.27 -14.65
N LEU A 217 25.94 -17.75 -13.44
CA LEU A 217 26.79 -18.09 -12.30
C LEU A 217 26.61 -19.57 -11.88
N PHE A 218 25.37 -20.09 -11.95
CA PHE A 218 25.13 -21.45 -11.51
C PHE A 218 25.91 -22.42 -12.37
N LYS A 219 25.94 -22.15 -13.68
CA LYS A 219 26.68 -22.96 -14.65
C LYS A 219 28.09 -23.30 -14.19
N TYR A 220 28.77 -22.42 -13.42
CA TYR A 220 30.12 -22.71 -12.93
C TYR A 220 30.21 -22.94 -11.43
N PHE A 221 29.22 -22.52 -10.66
CA PHE A 221 29.45 -22.32 -9.23
C PHE A 221 28.31 -22.86 -8.35
N ASP A 222 27.31 -23.53 -8.92
CA ASP A 222 26.17 -24.07 -8.18
C ASP A 222 26.59 -24.71 -6.86
N SER A 223 27.71 -25.44 -6.91
CA SER A 223 28.26 -26.11 -5.73
C SER A 223 28.53 -25.11 -4.61
N GLU A 224 29.01 -23.92 -4.97
CA GLU A 224 29.43 -22.90 -4.02
C GLU A 224 28.28 -22.16 -3.36
N PHE A 225 27.06 -22.29 -3.83
CA PHE A 225 26.02 -21.38 -3.36
C PHE A 225 25.43 -21.83 -2.04
N PHE A 226 25.27 -20.88 -1.11
CA PHE A 226 24.77 -21.18 0.22
C PHE A 226 23.40 -21.82 0.17
N ARG A 227 23.23 -22.83 1.02
CA ARG A 227 22.01 -23.60 1.12
C ARG A 227 21.65 -23.85 2.57
N ASP A 228 20.35 -23.99 2.76
CA ASP A 228 19.65 -24.38 3.98
C ASP A 228 19.79 -25.90 4.16
N SER A 229 20.52 -26.42 5.18
CA SER A 229 20.62 -27.89 5.28
C SER A 229 19.28 -28.57 5.41
N ALA A 230 18.38 -28.03 6.22
CA ALA A 230 17.12 -28.73 6.45
C ALA A 230 16.46 -29.00 5.10
N THR A 231 16.32 -27.98 4.26
CA THR A 231 15.53 -28.11 3.04
C THR A 231 16.34 -28.14 1.75
N GLY A 232 17.62 -27.82 1.77
CA GLY A 232 18.37 -27.67 0.53
C GLY A 232 18.05 -26.46 -0.31
N GLU A 233 17.22 -25.55 0.17
CA GLU A 233 16.91 -24.33 -0.55
C GLU A 233 18.14 -23.42 -0.63
N TYR A 234 18.26 -22.70 -1.73
CA TYR A 234 19.26 -21.64 -1.77
C TYR A 234 18.93 -20.62 -0.68
N ILE A 235 19.96 -20.06 -0.06
CA ILE A 235 19.81 -18.90 0.83
C ILE A 235 20.24 -17.64 0.10
N MET A 236 19.30 -16.72 -0.09
CA MET A 236 19.58 -15.42 -0.67
C MET A 236 18.92 -14.31 0.12
N ILE A 237 19.65 -13.22 0.30
CA ILE A 237 19.13 -12.03 0.98
C ILE A 237 18.21 -11.28 0.04
N PRO A 238 16.93 -11.16 0.38
CA PRO A 238 16.02 -10.42 -0.50
C PRO A 238 16.33 -8.93 -0.44
N LYS A 239 16.03 -8.24 -1.52
CA LYS A 239 16.08 -6.79 -1.46
C LYS A 239 14.93 -6.32 -0.56
N SER A 240 15.26 -5.51 0.46
CA SER A 240 14.34 -5.18 1.55
C SER A 240 14.74 -3.80 2.08
N VAL A 241 13.86 -2.81 1.92
CA VAL A 241 14.18 -1.51 2.47
C VAL A 241 14.40 -1.57 4.00
N LYS A 242 13.85 -2.58 4.71
CA LYS A 242 14.13 -2.71 6.14
C LYS A 242 15.61 -2.89 6.37
N LEU A 243 16.29 -3.67 5.49
CA LEU A 243 17.72 -3.86 5.69
C LEU A 243 18.49 -2.58 5.38
N ALA A 244 17.95 -1.73 4.52
CA ALA A 244 18.67 -0.49 4.27
C ALA A 244 18.43 0.54 5.37
N GLU A 245 17.26 0.51 6.01
CA GLU A 245 17.01 1.41 7.12
C GLU A 245 17.71 0.97 8.38
N SER A 246 18.07 -0.29 8.52
CA SER A 246 18.71 -0.76 9.76
C SER A 246 19.89 0.07 10.24
N PRO A 247 20.88 0.39 9.42
CA PRO A 247 22.00 1.19 9.94
C PRO A 247 21.56 2.53 10.50
N SER A 248 20.41 3.04 10.07
CA SER A 248 19.97 4.31 10.60
C SER A 248 19.62 4.21 12.08
N PHE A 249 19.51 3.00 12.60
CA PHE A 249 19.16 2.77 14.00
C PHE A 249 20.32 2.25 14.86
N GLY A 250 21.54 2.22 14.33
CA GLY A 250 22.69 1.68 15.01
C GLY A 250 22.53 0.21 15.41
N LYS A 251 21.61 -0.52 14.77
CA LYS A 251 21.42 -1.92 15.14
C LYS A 251 21.33 -2.84 13.94
N PRO A 252 21.69 -4.10 14.13
CA PRO A 252 21.41 -5.12 13.13
C PRO A 252 19.93 -5.49 13.16
N ILE A 253 19.46 -5.91 12.00
CA ILE A 253 18.04 -6.13 11.76
C ILE A 253 17.40 -7.10 12.76
N LEU A 254 18.15 -8.08 13.28
CA LEU A 254 17.47 -9.01 14.20
C LEU A 254 17.07 -8.34 15.53
N LEU A 255 17.71 -7.24 15.95
CA LEU A 255 17.16 -6.46 17.07
C LEU A 255 16.10 -5.48 16.57
N TYR A 256 16.35 -4.89 15.38
CA TYR A 256 15.54 -3.83 14.76
C TYR A 256 14.23 -4.35 14.15
N ASP A 257 14.22 -5.58 13.58
CA ASP A 257 12.99 -6.26 13.13
C ASP A 257 13.18 -7.75 12.82
N ILE A 258 12.90 -8.60 13.80
CA ILE A 258 13.30 -10.01 13.77
C ILE A 258 12.52 -10.90 12.79
N LYS A 259 11.40 -10.47 12.20
CA LYS A 259 10.71 -11.38 11.29
C LYS A 259 10.61 -10.84 9.85
N SER A 260 11.20 -9.69 9.57
CA SER A 260 11.50 -9.22 8.22
C SER A 260 12.06 -10.36 7.37
N ASN A 261 11.82 -10.36 6.06
CA ASN A 261 12.48 -11.36 5.22
C ASN A 261 13.99 -11.21 5.26
N GLY A 262 14.49 -9.98 5.28
CA GLY A 262 15.94 -9.79 5.38
C GLY A 262 16.52 -10.45 6.61
N SER A 263 15.89 -10.24 7.76
CA SER A 263 16.39 -10.80 9.01
C SER A 263 16.32 -12.32 9.00
N ILE A 264 15.23 -12.88 8.47
CA ILE A 264 15.08 -14.32 8.41
C ILE A 264 16.15 -14.93 7.51
N ALA A 265 16.44 -14.27 6.39
CA ALA A 265 17.46 -14.78 5.48
C ALA A 265 18.82 -14.79 6.16
N TYR A 266 19.14 -13.74 6.91
CA TYR A 266 20.45 -13.73 7.55
C TYR A 266 20.55 -14.73 8.70
N GLN A 267 19.44 -14.99 9.39
CA GLN A 267 19.49 -16.04 10.41
C GLN A 267 19.55 -17.43 9.78
N LYS A 268 18.96 -17.64 8.59
CA LYS A 268 19.17 -18.92 7.92
C LYS A 268 20.62 -19.05 7.45
N LEU A 269 21.21 -17.95 7.00
CA LEU A 269 22.62 -18.00 6.66
C LEU A 269 23.47 -18.39 7.86
N ALA A 270 23.14 -17.86 9.05
CA ALA A 270 23.88 -18.22 10.26
C ALA A 270 23.77 -19.71 10.55
N GLN A 271 22.57 -20.28 10.42
CA GLN A 271 22.44 -21.70 10.69
C GLN A 271 23.25 -22.54 9.72
N SER A 272 23.26 -22.12 8.45
CA SER A 272 23.97 -22.90 7.44
C SER A 272 25.47 -22.83 7.68
N ILE A 273 25.94 -21.68 8.07
CA ILE A 273 27.32 -21.57 8.51
C ILE A 273 27.52 -22.52 9.70
N LEU A 274 26.50 -22.65 10.55
CA LEU A 274 26.61 -23.41 11.80
C LEU A 274 26.62 -24.93 11.63
N GLN A 275 26.16 -25.44 10.49
CA GLN A 275 26.31 -26.87 10.24
C GLN A 275 27.77 -27.26 10.14
N GLY A 276 28.56 -26.42 9.45
CA GLY A 276 29.92 -26.74 9.00
C GLY A 276 30.00 -26.57 7.48
N MET B 13 38.34 23.17 -30.54
CA MET B 13 37.97 23.87 -29.31
C MET B 13 38.91 23.43 -28.17
N MET B 14 38.43 23.54 -26.93
CA MET B 14 38.99 22.86 -25.78
C MET B 14 37.91 22.03 -25.13
N SER B 15 38.25 20.78 -24.87
CA SER B 15 37.35 19.85 -24.18
C SER B 15 37.07 20.29 -22.77
N GLU B 16 35.83 20.16 -22.35
CA GLU B 16 35.55 20.15 -20.91
C GLU B 16 35.68 18.72 -20.37
N ILE B 17 36.43 18.59 -19.28
CA ILE B 17 36.69 17.34 -18.60
C ILE B 17 35.85 17.29 -17.34
N ILE B 18 34.99 16.28 -17.30
CA ILE B 18 34.07 16.03 -16.21
C ILE B 18 34.42 14.67 -15.64
N ALA B 19 34.75 14.64 -14.36
CA ALA B 19 34.89 13.37 -13.64
C ALA B 19 33.55 12.97 -13.04
N VAL B 20 33.15 11.70 -13.22
CA VAL B 20 32.03 11.13 -12.47
C VAL B 20 32.63 10.42 -11.27
N ALA B 21 32.38 10.93 -10.05
CA ALA B 21 33.13 10.54 -8.87
C ALA B 21 32.22 10.39 -7.65
N ASN B 22 32.65 9.52 -6.74
CA ASN B 22 31.95 9.30 -5.47
C ASN B 22 32.77 8.33 -4.62
N GLN B 23 32.92 8.67 -3.35
CA GLN B 23 33.62 7.83 -2.38
C GLN B 23 33.17 6.36 -2.42
N LYS B 24 31.85 6.12 -2.50
CA LYS B 24 31.22 4.79 -2.58
C LYS B 24 31.11 4.21 -3.98
N GLY B 25 31.14 2.87 -4.03
CA GLY B 25 30.83 2.13 -5.24
C GLY B 25 29.38 1.65 -5.28
N GLY B 26 28.95 1.27 -6.49
CA GLY B 26 27.61 0.80 -6.71
C GLY B 26 26.57 1.89 -6.68
N VAL B 27 26.96 3.15 -6.85
CA VAL B 27 25.99 4.25 -6.80
C VAL B 27 25.61 4.75 -8.19
N GLY B 28 26.09 4.09 -9.24
CA GLY B 28 25.77 4.47 -10.59
C GLY B 28 26.82 5.28 -11.30
N LYS B 29 28.09 5.25 -10.87
CA LYS B 29 29.13 6.04 -11.55
C LYS B 29 29.29 5.58 -12.99
N THR B 30 29.38 4.28 -13.18
CA THR B 30 29.72 3.77 -14.49
C THR B 30 28.52 3.97 -15.43
N THR B 31 27.31 3.77 -14.89
CA THR B 31 26.07 3.93 -15.64
C THR B 31 25.91 5.37 -16.10
N THR B 32 26.18 6.31 -15.22
CA THR B 32 26.06 7.71 -15.55
C THR B 32 27.11 8.11 -16.57
N ALA B 33 28.35 7.72 -16.35
CA ALA B 33 29.40 8.08 -17.31
C ALA B 33 29.09 7.56 -18.71
N VAL B 34 28.76 6.27 -18.85
CA VAL B 34 28.52 5.69 -20.17
C VAL B 34 27.34 6.39 -20.84
N ASN B 35 26.21 6.50 -20.14
CA ASN B 35 24.99 6.99 -20.78
C ASN B 35 25.02 8.48 -21.01
N LEU B 36 25.71 9.23 -20.15
CA LEU B 36 25.93 10.64 -20.44
C LEU B 36 26.81 10.80 -21.65
N ALA B 37 27.89 10.01 -21.75
CA ALA B 37 28.74 10.11 -22.93
C ALA B 37 27.92 9.88 -24.20
N ALA B 38 27.15 8.79 -24.22
CA ALA B 38 26.33 8.48 -25.40
C ALA B 38 25.28 9.55 -25.68
N SER B 39 24.67 10.11 -24.64
CA SER B 39 23.59 11.10 -24.80
C SER B 39 24.12 12.43 -25.33
N LEU B 40 25.38 12.74 -25.06
CA LEU B 40 25.97 13.93 -25.66
C LEU B 40 26.42 13.66 -27.09
N ALA B 41 26.83 12.41 -27.39
CA ALA B 41 27.20 12.04 -28.76
C ALA B 41 26.03 12.16 -29.70
N VAL B 42 24.81 11.89 -29.22
CA VAL B 42 23.61 12.08 -30.03
C VAL B 42 23.44 13.54 -30.49
N HIS B 43 23.78 14.51 -29.64
CA HIS B 43 23.68 15.91 -30.05
C HIS B 43 24.88 16.31 -30.81
N GLU B 44 25.50 15.29 -31.35
CA GLU B 44 26.70 15.38 -32.15
C GLU B 44 27.69 16.40 -31.60
N LYS B 45 28.16 16.10 -30.39
CA LYS B 45 29.39 16.62 -29.84
C LYS B 45 30.32 15.44 -29.75
N LYS B 46 31.63 15.67 -29.92
CA LYS B 46 32.60 14.58 -29.95
C LYS B 46 33.17 14.34 -28.56
N ILE B 47 33.04 13.10 -28.08
CA ILE B 47 33.25 12.75 -26.67
C ILE B 47 34.23 11.59 -26.54
N LEU B 48 35.12 11.71 -25.57
CA LEU B 48 36.02 10.61 -25.23
C LEU B 48 35.64 10.16 -23.81
N LEU B 49 35.30 8.89 -23.67
CA LEU B 49 35.02 8.35 -22.35
C LEU B 49 36.25 7.59 -21.91
N ILE B 50 36.70 7.80 -20.67
CA ILE B 50 37.91 7.17 -20.17
C ILE B 50 37.52 6.22 -19.06
N ASP B 51 37.71 4.92 -19.28
CA ASP B 51 37.51 3.96 -18.21
C ASP B 51 38.72 4.07 -17.30
N PHE B 52 38.55 4.64 -16.10
CA PHE B 52 39.65 4.81 -15.17
C PHE B 52 39.48 3.89 -13.97
N ASP B 53 38.87 2.72 -14.18
CA ASP B 53 38.60 1.81 -13.09
C ASP B 53 39.19 0.47 -13.50
N PRO B 54 40.03 -0.14 -12.66
CA PRO B 54 40.62 -1.44 -13.03
C PRO B 54 39.60 -2.53 -13.32
N GLN B 55 38.44 -2.51 -12.67
CA GLN B 55 37.38 -3.48 -13.01
C GLN B 55 36.83 -3.22 -14.41
N ALA B 56 36.82 -1.96 -14.86
CA ALA B 56 36.60 -1.60 -16.26
C ALA B 56 35.17 -1.89 -16.74
N ASN B 57 34.19 -1.61 -15.90
CA ASN B 57 32.80 -1.81 -16.30
C ASN B 57 32.42 -0.87 -17.45
N ALA B 58 33.05 0.31 -17.57
CA ALA B 58 32.72 1.16 -18.70
C ALA B 58 33.09 0.49 -20.03
N THR B 59 34.32 -0.04 -20.11
CA THR B 59 34.80 -0.81 -21.26
C THR B 59 33.84 -1.94 -21.61
N SER B 60 33.52 -2.74 -20.59
CA SER B 60 32.61 -3.85 -20.76
C SER B 60 31.22 -3.40 -21.18
N SER B 61 30.79 -2.23 -20.73
CA SER B 61 29.48 -1.71 -21.10
C SER B 61 29.41 -1.24 -22.54
N LEU B 62 30.53 -0.92 -23.17
CA LEU B 62 30.44 -0.55 -24.58
C LEU B 62 30.81 -1.71 -25.52
N GLY B 63 30.93 -2.93 -24.97
CA GLY B 63 31.07 -4.12 -25.76
C GLY B 63 32.48 -4.60 -26.01
N PHE B 64 33.48 -4.04 -25.35
CA PHE B 64 34.84 -4.44 -25.63
C PHE B 64 35.30 -5.49 -24.64
N ARG B 65 35.59 -6.67 -25.15
CA ARG B 65 36.20 -7.55 -24.18
C ARG B 65 37.57 -7.11 -23.78
N ARG B 66 37.80 -7.29 -22.49
CA ARG B 66 38.98 -6.79 -21.82
C ARG B 66 40.19 -7.65 -22.10
N ASP B 67 39.99 -8.95 -22.40
CA ASP B 67 41.02 -9.79 -23.03
C ASP B 67 41.39 -9.28 -24.42
N LYS B 68 40.41 -8.81 -25.23
CA LYS B 68 40.75 -8.33 -26.57
C LYS B 68 41.63 -7.09 -26.46
N ILE B 69 41.63 -6.46 -25.28
CA ILE B 69 42.34 -5.20 -25.07
C ILE B 69 43.79 -5.53 -24.74
N ASP B 70 44.71 -4.79 -25.34
CA ASP B 70 46.12 -5.09 -25.42
C ASP B 70 46.88 -4.17 -24.51
N TYR B 71 46.83 -2.90 -24.89
CA TYR B 71 47.51 -1.83 -24.16
C TYR B 71 46.48 -0.78 -23.75
N ASP B 72 46.38 -0.54 -22.43
CA ASP B 72 45.39 0.31 -21.77
C ASP B 72 45.90 1.71 -21.45
N ILE B 73 45.02 2.47 -20.80
CA ILE B 73 45.40 3.78 -20.28
C ILE B 73 46.56 3.64 -19.29
N TYR B 74 46.66 2.53 -18.56
CA TYR B 74 47.80 2.37 -17.63
C TYR B 74 49.12 2.62 -18.33
N HIS B 75 49.29 1.99 -19.50
CA HIS B 75 50.45 2.26 -20.34
C HIS B 75 50.61 3.73 -20.62
N VAL B 76 49.50 4.43 -20.87
CA VAL B 76 49.62 5.84 -21.22
C VAL B 76 50.16 6.63 -20.04
N LEU B 77 49.63 6.34 -18.84
CA LEU B 77 50.13 7.02 -17.66
C LEU B 77 51.60 6.68 -17.40
N ILE B 78 52.00 5.44 -17.70
CA ILE B 78 53.39 5.01 -17.56
C ILE B 78 54.29 5.48 -18.69
N GLY B 79 53.72 6.02 -19.77
CA GLY B 79 54.51 6.45 -20.91
C GLY B 79 54.86 5.38 -21.93
N ARG B 80 54.50 4.11 -21.67
CA ARG B 80 54.71 3.06 -22.67
C ARG B 80 53.98 3.38 -23.96
N LYS B 81 52.89 4.15 -23.85
CA LYS B 81 52.16 4.60 -25.02
C LYS B 81 51.59 5.98 -24.77
N GLN B 82 51.09 6.54 -25.84
CA GLN B 82 50.52 7.85 -25.77
C GLN B 82 49.05 7.75 -26.12
N ILE B 83 48.24 8.61 -25.49
CA ILE B 83 46.81 8.37 -25.34
C ILE B 83 46.16 8.13 -26.69
N SER B 84 46.69 8.73 -27.75
CA SER B 84 46.18 8.53 -29.09
C SER B 84 46.30 7.11 -29.59
N GLN B 85 47.22 6.31 -29.09
CA GLN B 85 47.29 4.95 -29.61
C GLN B 85 46.33 3.99 -28.93
N VAL B 86 45.80 4.34 -27.76
CA VAL B 86 44.91 3.41 -27.07
C VAL B 86 43.43 3.68 -27.34
N ILE B 87 43.08 4.88 -27.85
CA ILE B 87 41.68 5.23 -28.11
C ILE B 87 41.04 4.24 -29.07
N LEU B 88 39.74 3.96 -28.87
CA LEU B 88 39.03 3.03 -29.73
C LEU B 88 37.74 3.71 -30.13
N LYS B 89 37.29 3.44 -31.34
CA LYS B 89 36.03 4.02 -31.79
C LYS B 89 34.93 3.04 -31.40
N THR B 90 33.75 3.57 -31.08
CA THR B 90 32.65 2.79 -30.51
C THR B 90 31.55 2.67 -31.55
N GLN B 91 30.54 1.89 -31.21
CA GLN B 91 29.38 1.81 -32.09
C GLN B 91 28.78 3.19 -32.37
N MET B 92 29.07 4.18 -31.54
CA MET B 92 28.66 5.57 -31.79
C MET B 92 29.79 6.30 -32.48
N PRO B 93 29.59 6.91 -33.65
CA PRO B 93 30.74 7.56 -34.31
C PRO B 93 31.27 8.75 -33.52
N PHE B 94 30.45 9.40 -32.67
CA PHE B 94 30.90 10.58 -31.94
C PHE B 94 31.33 10.26 -30.51
N LEU B 95 31.64 9.01 -30.21
CA LEU B 95 32.00 8.60 -28.87
C LEU B 95 33.17 7.64 -28.97
N ASP B 96 34.35 8.06 -28.50
CA ASP B 96 35.47 7.15 -28.41
C ASP B 96 35.72 6.75 -26.96
N LEU B 97 36.60 5.76 -26.80
CA LEU B 97 36.81 5.23 -25.47
C LEU B 97 38.29 4.95 -25.26
N VAL B 98 38.83 5.35 -24.12
CA VAL B 98 40.09 4.80 -23.64
C VAL B 98 39.75 3.60 -22.78
N PRO B 99 40.05 2.36 -23.23
CA PRO B 99 39.61 1.19 -22.47
C PRO B 99 40.47 1.01 -21.23
N SER B 100 39.96 0.19 -20.32
CA SER B 100 40.67 -0.15 -19.10
C SER B 100 40.77 -1.66 -18.98
N ASN B 101 41.46 -2.07 -17.93
CA ASN B 101 41.81 -3.45 -17.64
C ASN B 101 42.46 -3.43 -16.27
N LEU B 102 42.39 -4.56 -15.59
CA LEU B 102 42.88 -4.61 -14.22
C LEU B 102 44.38 -4.33 -14.12
N GLY B 103 45.09 -4.26 -15.24
CA GLY B 103 46.48 -3.84 -15.19
C GLY B 103 46.66 -2.46 -14.59
N LEU B 104 45.63 -1.62 -14.70
CA LEU B 104 45.70 -0.31 -14.10
C LEU B 104 45.73 -0.38 -12.58
N ALA B 105 45.40 -1.53 -11.98
CA ALA B 105 45.59 -1.67 -10.55
C ALA B 105 47.05 -1.48 -10.15
N GLY B 106 47.97 -1.55 -11.11
CA GLY B 106 49.36 -1.28 -10.79
C GLY B 106 49.63 0.16 -10.45
N PHE B 107 48.76 1.07 -10.89
CA PHE B 107 49.08 2.50 -10.83
C PHE B 107 49.26 2.99 -9.39
N GLU B 108 48.46 2.52 -8.46
CA GLU B 108 48.66 2.98 -7.09
C GLU B 108 50.09 2.76 -6.58
N LYS B 109 50.75 1.64 -6.92
CA LYS B 109 52.13 1.56 -6.44
C LYS B 109 52.94 2.69 -7.06
N THR B 110 52.80 2.87 -8.38
CA THR B 110 53.44 3.98 -9.04
C THR B 110 53.13 5.27 -8.31
N PHE B 111 51.86 5.45 -7.94
CA PHE B 111 51.44 6.71 -7.34
C PHE B 111 52.31 7.08 -6.16
N TYR B 112 52.50 6.15 -5.24
CA TYR B 112 53.17 6.53 -4.02
C TYR B 112 54.64 6.78 -4.28
N ASP B 113 55.26 5.98 -5.15
CA ASP B 113 56.63 6.26 -5.59
C ASP B 113 56.74 7.63 -6.23
N SER B 114 55.77 7.98 -7.08
CA SER B 114 55.78 9.30 -7.69
C SER B 114 55.74 10.36 -6.60
N GLN B 115 54.91 10.18 -5.54
CA GLN B 115 54.87 11.25 -4.57
C GLN B 115 56.13 11.24 -3.74
N ASP B 116 56.71 10.05 -3.54
CA ASP B 116 58.02 9.96 -2.91
C ASP B 116 59.06 10.66 -3.74
N GLU B 117 58.91 10.60 -5.07
CA GLU B 117 60.00 11.10 -5.92
C GLU B 117 59.97 12.62 -5.94
N ASN B 118 58.83 13.21 -6.31
CA ASN B 118 58.81 14.66 -6.40
C ASN B 118 57.41 15.27 -6.22
N LYS B 119 56.59 14.72 -5.30
CA LYS B 119 55.21 15.15 -5.10
C LYS B 119 54.40 15.09 -6.45
N ARG B 120 54.75 14.19 -7.43
CA ARG B 120 54.30 14.16 -8.71
C ARG B 120 53.12 13.22 -8.97
N GLY B 121 52.61 12.32 -8.12
CA GLY B 121 51.59 11.50 -8.83
C GLY B 121 50.14 12.09 -9.15
N GLU B 122 49.74 13.27 -8.61
CA GLU B 122 48.32 13.70 -8.70
C GLU B 122 47.88 14.24 -10.07
N LEU B 123 48.81 14.59 -10.96
CA LEU B 123 48.45 15.15 -12.27
C LEU B 123 48.91 14.31 -13.46
N MET B 124 49.31 13.05 -13.23
CA MET B 124 49.74 12.17 -14.31
C MET B 124 48.62 11.89 -15.29
N LEU B 125 47.37 11.94 -14.83
CA LEU B 125 46.27 11.84 -15.79
C LEU B 125 46.13 13.14 -16.57
N LYS B 126 46.21 14.29 -15.90
CA LYS B 126 46.08 15.55 -16.62
C LYS B 126 47.13 15.65 -17.73
N ASN B 127 48.37 15.24 -17.44
CA ASN B 127 49.42 15.28 -18.46
C ASN B 127 49.14 14.32 -19.59
N ALA B 128 48.69 13.10 -19.27
CA ALA B 128 48.35 12.20 -20.36
C ALA B 128 47.22 12.78 -21.18
N LEU B 129 46.44 13.68 -20.58
CA LEU B 129 45.28 14.21 -21.24
C LEU B 129 45.63 15.39 -22.15
N GLU B 130 46.77 16.06 -21.93
CA GLU B 130 47.09 17.22 -22.76
C GLU B 130 47.18 16.89 -24.25
N SER B 131 47.54 15.65 -24.58
CA SER B 131 47.68 15.25 -25.98
C SER B 131 46.38 15.37 -26.78
N VAL B 132 45.20 15.36 -26.12
CA VAL B 132 43.94 15.25 -26.87
C VAL B 132 42.83 16.22 -26.44
N VAL B 133 43.09 17.10 -25.45
CA VAL B 133 42.03 17.97 -24.94
C VAL B 133 41.44 18.85 -26.04
N GLY B 134 42.20 19.10 -27.11
CA GLY B 134 41.64 19.93 -28.15
C GLY B 134 41.03 19.16 -29.29
N LEU B 135 40.73 17.87 -29.08
CA LEU B 135 40.14 17.04 -30.11
C LEU B 135 38.78 16.49 -29.70
N TYR B 136 38.25 16.89 -28.56
CA TYR B 136 36.93 16.46 -28.13
C TYR B 136 36.21 17.67 -27.56
N ASP B 137 34.89 17.61 -27.60
CA ASP B 137 34.08 18.58 -26.88
C ASP B 137 34.01 18.24 -25.40
N TYR B 138 33.78 16.96 -25.09
CA TYR B 138 33.66 16.48 -23.71
C TYR B 138 34.53 15.25 -23.53
N ILE B 139 35.25 15.23 -22.43
CA ILE B 139 35.97 14.06 -21.95
C ILE B 139 35.34 13.68 -20.61
N ILE B 140 34.80 12.46 -20.54
CA ILE B 140 34.08 11.98 -19.35
C ILE B 140 34.93 10.89 -18.70
N ILE B 141 35.31 11.07 -17.43
CA ILE B 141 36.17 10.07 -16.79
C ILE B 141 35.38 9.35 -15.73
N ASP B 142 35.37 8.01 -15.82
CA ASP B 142 34.67 7.15 -14.86
C ASP B 142 35.71 6.54 -13.94
N SER B 143 35.69 6.97 -12.65
CA SER B 143 36.68 6.69 -11.62
C SER B 143 36.22 5.55 -10.72
N PRO B 144 37.14 4.92 -9.99
CA PRO B 144 36.79 3.79 -9.15
C PRO B 144 36.25 4.24 -7.80
N PRO B 145 35.70 3.31 -7.03
CA PRO B 145 35.02 3.65 -5.77
C PRO B 145 35.93 3.82 -4.56
N ALA B 146 36.60 4.96 -4.48
CA ALA B 146 37.30 5.35 -3.26
C ALA B 146 37.87 6.73 -3.49
N LEU B 147 38.53 7.28 -2.48
CA LEU B 147 39.33 8.47 -2.72
C LEU B 147 40.80 8.12 -2.83
N GLY B 148 41.05 7.21 -3.74
CA GLY B 148 42.38 6.71 -3.93
C GLY B 148 43.11 7.48 -5.01
N PRO B 149 44.30 7.00 -5.33
CA PRO B 149 45.12 7.71 -6.32
C PRO B 149 44.47 7.84 -7.69
N LEU B 150 43.73 6.82 -8.14
CA LEU B 150 43.07 6.91 -9.45
C LEU B 150 42.00 7.99 -9.44
N THR B 151 41.16 8.02 -8.40
CA THR B 151 40.14 9.05 -8.33
C THR B 151 40.76 10.43 -8.15
N ILE B 152 41.88 10.50 -7.42
CA ILE B 152 42.56 11.77 -7.22
C ILE B 152 43.08 12.31 -8.56
N ASN B 153 43.68 11.41 -9.37
CA ASN B 153 44.09 11.81 -10.71
C ASN B 153 42.90 12.30 -11.50
N SER B 154 41.76 11.61 -11.40
CA SER B 154 40.58 12.00 -12.17
C SER B 154 40.10 13.41 -11.80
N LEU B 155 39.96 13.67 -10.50
CA LEU B 155 39.49 14.97 -10.05
C LEU B 155 40.53 16.08 -10.28
N SER B 156 41.81 15.72 -10.36
CA SER B 156 42.90 16.66 -10.63
C SER B 156 43.06 16.96 -12.13
N ALA B 157 42.49 16.15 -13.00
CA ALA B 157 42.53 16.44 -14.42
C ALA B 157 41.30 17.21 -14.90
N ALA B 158 40.28 17.32 -14.06
CA ALA B 158 38.96 17.71 -14.49
C ALA B 158 38.68 19.19 -14.22
N HIS B 159 37.84 19.77 -15.09
CA HIS B 159 37.27 21.08 -14.79
C HIS B 159 36.05 20.96 -13.88
N SER B 160 35.20 19.94 -14.10
CA SER B 160 33.95 19.83 -13.33
C SER B 160 33.70 18.39 -12.90
N VAL B 161 32.83 18.24 -11.90
CA VAL B 161 32.61 16.95 -11.27
C VAL B 161 31.12 16.66 -11.14
N ILE B 162 30.67 15.51 -11.69
CA ILE B 162 29.32 14.99 -11.49
C ILE B 162 29.33 13.95 -10.37
N ILE B 163 28.47 14.14 -9.35
CA ILE B 163 28.38 13.23 -8.20
C ILE B 163 27.07 12.43 -8.24
N PRO B 164 27.09 11.19 -8.69
CA PRO B 164 25.85 10.42 -8.68
C PRO B 164 25.59 9.88 -7.29
N ILE B 165 24.35 9.99 -6.83
CA ILE B 165 24.06 9.73 -5.43
C ILE B 165 22.88 8.80 -5.34
N GLN B 166 23.11 7.67 -4.72
CA GLN B 166 22.07 6.73 -4.36
C GLN B 166 21.56 7.13 -2.97
N CYS B 167 20.26 7.29 -2.83
CA CYS B 167 19.72 7.96 -1.66
C CYS B 167 19.50 6.95 -0.51
N GLU B 168 20.60 6.44 0.07
CA GLU B 168 20.47 5.51 1.19
C GLU B 168 21.22 6.18 2.33
N PHE B 169 21.31 5.46 3.44
CA PHE B 169 21.69 6.02 4.72
C PHE B 169 23.08 6.68 4.70
N PHE B 170 24.08 6.03 4.10
CA PHE B 170 25.45 6.59 4.07
C PHE B 170 25.71 7.63 2.96
N ALA B 171 24.73 8.03 2.16
CA ALA B 171 25.02 8.99 1.09
C ALA B 171 25.52 10.33 1.64
N LEU B 172 24.92 10.81 2.73
CA LEU B 172 25.36 12.08 3.29
C LEU B 172 26.84 12.02 3.65
N GLU B 173 27.20 11.05 4.49
CA GLU B 173 28.59 10.84 4.92
C GLU B 173 29.54 10.73 3.71
N GLY B 174 29.20 9.87 2.76
CA GLY B 174 30.08 9.67 1.62
C GLY B 174 30.33 10.95 0.85
N THR B 175 29.26 11.71 0.58
CA THR B 175 29.42 12.98 -0.14
C THR B 175 30.25 13.96 0.68
N LYS B 176 30.01 14.06 1.99
CA LYS B 176 30.84 14.93 2.82
C LYS B 176 32.33 14.59 2.60
N LEU B 177 32.64 13.29 2.61
CA LEU B 177 34.01 12.83 2.37
C LEU B 177 34.53 13.29 1.00
N LEU B 178 33.77 13.01 -0.07
CA LEU B 178 34.15 13.44 -1.42
C LEU B 178 34.34 14.96 -1.52
N LEU B 179 33.41 15.73 -0.96
CA LEU B 179 33.51 17.19 -0.99
C LEU B 179 34.72 17.67 -0.23
N ASN B 180 35.09 16.96 0.84
CA ASN B 180 36.25 17.42 1.57
C ASN B 180 37.53 17.11 0.80
N THR B 181 37.60 16.00 0.05
CA THR B 181 38.72 15.82 -0.89
C THR B 181 38.70 16.87 -2.02
N ILE B 182 37.53 17.13 -2.62
CA ILE B 182 37.46 18.16 -3.67
C ILE B 182 37.95 19.49 -3.12
N ARG B 183 37.60 19.83 -1.89
CA ARG B 183 38.12 21.08 -1.37
C ARG B 183 39.61 21.06 -1.09
N MET B 184 40.18 19.92 -0.72
CA MET B 184 41.64 19.90 -0.59
C MET B 184 42.30 20.14 -1.96
N LEU B 185 41.76 19.55 -3.03
CA LEU B 185 42.40 19.73 -4.34
C LEU B 185 42.18 21.10 -4.94
N GLN B 186 41.05 21.75 -4.66
CA GLN B 186 40.91 23.11 -5.18
C GLN B 186 41.88 24.04 -4.50
N LYS B 187 42.27 23.72 -3.27
CA LYS B 187 43.28 24.53 -2.62
C LYS B 187 44.69 24.05 -2.96
N SER B 188 44.82 22.83 -3.49
CA SER B 188 46.09 22.22 -3.87
C SER B 188 46.35 22.37 -5.36
N THR B 189 45.98 21.33 -6.10
CA THR B 189 46.40 21.14 -7.49
C THR B 189 45.49 21.84 -8.50
N ASN B 190 44.16 21.77 -8.33
CA ASN B 190 43.21 22.20 -9.37
C ASN B 190 42.24 23.21 -8.79
N PRO B 191 42.62 24.49 -8.82
CA PRO B 191 41.89 25.51 -8.07
C PRO B 191 40.55 25.92 -8.67
N LYS B 192 40.43 25.79 -9.98
CA LYS B 192 39.19 26.02 -10.69
C LYS B 192 38.25 24.83 -10.73
N LEU B 193 38.50 23.82 -9.88
CA LEU B 193 37.66 22.62 -9.88
C LEU B 193 36.26 22.96 -9.39
N LYS B 194 35.26 22.58 -10.17
CA LYS B 194 33.89 22.94 -9.88
C LYS B 194 33.01 21.71 -9.72
N ILE B 195 32.00 21.86 -8.88
CA ILE B 195 30.93 20.88 -8.76
C ILE B 195 29.89 21.17 -9.83
N ARG B 196 29.73 20.23 -10.76
CA ARG B 196 28.80 20.37 -11.87
C ARG B 196 27.38 19.92 -11.52
N GLY B 197 27.22 19.05 -10.55
CA GLY B 197 25.87 18.75 -10.14
C GLY B 197 25.87 17.49 -9.33
N PHE B 198 24.94 17.35 -8.39
CA PHE B 198 24.58 16.07 -7.78
C PHE B 198 23.47 15.45 -8.61
N LEU B 199 23.53 14.13 -8.76
CA LEU B 199 22.56 13.44 -9.60
C LEU B 199 22.06 12.24 -8.82
N PRO B 200 20.80 12.25 -8.38
CA PRO B 200 20.26 11.09 -7.67
C PRO B 200 20.02 9.96 -8.68
N THR B 201 20.46 8.75 -8.29
CA THR B 201 20.44 7.57 -9.12
C THR B 201 19.57 6.51 -8.48
N MET B 202 19.14 5.55 -9.30
CA MET B 202 18.38 4.42 -8.79
C MET B 202 17.29 4.91 -7.86
N HIS B 203 16.69 6.00 -8.25
CA HIS B 203 15.80 6.74 -7.39
C HIS B 203 14.42 6.09 -7.40
N VAL B 204 13.97 5.70 -6.21
CA VAL B 204 12.63 5.21 -5.96
C VAL B 204 11.92 6.24 -5.08
N PRO B 205 11.07 7.10 -5.67
CA PRO B 205 10.55 8.25 -4.89
C PRO B 205 9.61 7.87 -3.73
N GLN B 206 8.98 6.70 -3.73
CA GLN B 206 7.98 6.40 -2.70
C GLN B 206 8.58 5.93 -1.40
N LEU B 207 9.86 5.57 -1.37
CA LEU B 207 10.42 5.00 -0.16
C LEU B 207 10.69 6.09 0.87
N ASN B 208 10.39 5.77 2.13
CA ASN B 208 10.62 6.75 3.20
C ASN B 208 12.10 7.05 3.35
N LEU B 209 12.94 6.04 3.21
CA LEU B 209 14.37 6.28 3.28
C LEU B 209 14.83 7.23 2.16
N THR B 210 14.22 7.11 0.98
CA THR B 210 14.60 8.03 -0.10
C THR B 210 14.23 9.45 0.25
N LYS B 211 12.98 9.67 0.69
CA LYS B 211 12.56 11.04 1.02
C LYS B 211 13.41 11.62 2.14
N GLY B 212 13.77 10.80 3.15
CA GLY B 212 14.56 11.32 4.25
C GLY B 212 15.98 11.68 3.86
N VAL B 213 16.61 10.83 3.06
CA VAL B 213 17.96 11.07 2.56
C VAL B 213 17.97 12.29 1.65
N LEU B 214 16.98 12.42 0.77
CA LEU B 214 16.93 13.59 -0.11
C LEU B 214 16.65 14.85 0.68
N ALA B 215 15.84 14.79 1.72
CA ALA B 215 15.62 16.00 2.51
C ALA B 215 16.90 16.43 3.19
N GLU B 216 17.65 15.48 3.73
CA GLU B 216 18.88 15.87 4.38
C GLU B 216 19.91 16.40 3.37
N LEU B 217 19.98 15.81 2.17
CA LEU B 217 20.90 16.36 1.18
C LEU B 217 20.44 17.73 0.68
N PHE B 218 19.12 17.94 0.52
CA PHE B 218 18.63 19.21 0.02
C PHE B 218 18.97 20.34 0.96
N LYS B 219 18.82 20.09 2.27
CA LYS B 219 19.13 21.08 3.31
C LYS B 219 20.55 21.63 3.18
N TYR B 220 21.50 20.83 2.67
CA TYR B 220 22.85 21.35 2.52
C TYR B 220 23.25 21.67 1.10
N PHE B 221 22.52 21.17 0.09
CA PHE B 221 23.03 21.15 -1.26
C PHE B 221 22.03 21.39 -2.40
N ASP B 222 20.79 21.82 -2.13
CA ASP B 222 19.79 21.96 -3.19
C ASP B 222 20.36 22.60 -4.45
N SER B 223 21.19 23.62 -4.24
CA SER B 223 21.78 24.41 -5.32
C SER B 223 22.47 23.55 -6.35
N GLU B 224 23.14 22.48 -5.91
CA GLU B 224 23.97 21.62 -6.76
C GLU B 224 23.17 20.59 -7.55
N PHE B 225 21.90 20.38 -7.26
CA PHE B 225 21.23 19.26 -7.88
C PHE B 225 20.83 19.64 -9.30
N PHE B 226 21.14 18.74 -10.23
CA PHE B 226 20.86 18.97 -11.62
C PHE B 226 19.38 19.29 -11.80
N ARG B 227 19.09 20.27 -12.64
CA ARG B 227 17.72 20.64 -12.89
C ARG B 227 17.52 20.76 -14.39
N ASP B 228 16.32 20.42 -14.81
CA ASP B 228 15.89 20.62 -16.18
C ASP B 228 15.52 22.08 -16.36
N SER B 229 16.31 22.77 -17.18
CA SER B 229 16.13 24.20 -17.40
C SER B 229 14.68 24.56 -17.74
N ALA B 230 14.03 23.75 -18.58
CA ALA B 230 12.70 24.10 -19.02
C ALA B 230 11.79 24.33 -17.83
N THR B 231 11.72 23.34 -16.95
CA THR B 231 10.70 23.33 -15.92
C THR B 231 11.21 23.59 -14.51
N GLY B 232 12.53 23.57 -14.30
CA GLY B 232 13.10 23.63 -12.98
C GLY B 232 13.00 22.34 -12.20
N GLU B 233 12.52 21.24 -12.81
CA GLU B 233 12.44 19.97 -12.10
C GLU B 233 13.84 19.41 -11.86
N TYR B 234 14.03 18.74 -10.73
CA TYR B 234 15.22 17.94 -10.51
C TYR B 234 15.36 16.89 -11.62
N ILE B 235 16.60 16.58 -11.97
CA ILE B 235 16.91 15.44 -12.79
C ILE B 235 17.35 14.30 -11.86
N MET B 236 16.58 13.22 -11.85
CA MET B 236 16.91 12.02 -11.10
C MET B 236 16.85 10.79 -12.00
N ILE B 237 17.85 9.94 -11.87
CA ILE B 237 17.83 8.71 -12.67
C ILE B 237 16.87 7.74 -12.00
N PRO B 238 15.83 7.34 -12.70
CA PRO B 238 14.90 6.37 -12.13
C PRO B 238 15.54 5.00 -11.99
N LYS B 239 15.02 4.23 -11.03
CA LYS B 239 15.32 2.80 -10.95
C LYS B 239 14.68 2.08 -12.13
N SER B 240 15.50 1.43 -12.96
CA SER B 240 15.03 0.90 -14.24
C SER B 240 15.94 -0.26 -14.63
N VAL B 241 15.38 -1.46 -14.57
CA VAL B 241 16.18 -2.63 -14.89
C VAL B 241 16.72 -2.60 -16.31
N LYS B 242 16.06 -1.91 -17.22
CA LYS B 242 16.60 -1.76 -18.57
C LYS B 242 18.00 -1.13 -18.53
N LEU B 243 18.27 -0.27 -17.54
CA LEU B 243 19.58 0.35 -17.47
C LEU B 243 20.62 -0.61 -16.98
N ALA B 244 20.24 -1.56 -16.14
CA ALA B 244 21.17 -2.60 -15.70
C ALA B 244 21.35 -3.69 -16.76
N GLU B 245 20.33 -3.91 -17.60
CA GLU B 245 20.46 -4.86 -18.67
C GLU B 245 21.24 -4.32 -19.87
N SER B 246 21.24 -2.99 -20.09
CA SER B 246 21.92 -2.45 -21.27
C SER B 246 23.39 -2.87 -21.38
N PRO B 247 24.24 -2.72 -20.37
CA PRO B 247 25.63 -3.19 -20.53
C PRO B 247 25.78 -4.67 -20.83
N SER B 248 24.85 -5.53 -20.48
CA SER B 248 25.09 -6.91 -20.93
C SER B 248 24.96 -7.01 -22.44
N PHE B 249 24.41 -6.01 -23.07
CA PHE B 249 24.32 -5.98 -24.53
C PHE B 249 25.42 -5.13 -25.12
N GLY B 250 26.36 -4.66 -24.29
CA GLY B 250 27.39 -3.80 -24.82
C GLY B 250 26.89 -2.50 -25.39
N LYS B 251 25.71 -2.01 -24.97
CA LYS B 251 25.16 -0.76 -25.48
C LYS B 251 24.81 0.21 -24.37
N PRO B 252 24.80 1.51 -24.70
CA PRO B 252 24.14 2.50 -23.86
C PRO B 252 22.64 2.50 -24.09
N ILE B 253 21.88 2.89 -23.05
CA ILE B 253 20.43 2.70 -23.06
C ILE B 253 19.78 3.33 -24.29
N LEU B 254 20.36 4.43 -24.85
CA LEU B 254 19.69 5.04 -25.97
C LEU B 254 19.76 4.19 -27.22
N LEU B 255 20.77 3.34 -27.32
CA LEU B 255 20.71 2.32 -28.35
C LEU B 255 19.96 1.06 -27.93
N TYR B 256 19.94 0.69 -26.63
CA TYR B 256 19.24 -0.55 -26.26
C TYR B 256 17.74 -0.30 -26.12
N ASP B 257 17.32 0.84 -25.56
CA ASP B 257 15.91 1.25 -25.55
C ASP B 257 15.76 2.72 -25.20
N ILE B 258 15.66 3.56 -26.26
CA ILE B 258 15.60 5.02 -26.17
C ILE B 258 14.34 5.57 -25.50
N LYS B 259 13.33 4.74 -25.26
CA LYS B 259 12.09 5.23 -24.68
C LYS B 259 11.93 4.93 -23.20
N SER B 260 12.80 4.08 -22.64
CA SER B 260 13.00 3.86 -21.21
C SER B 260 12.95 5.17 -20.44
N ASN B 261 12.42 5.19 -19.23
CA ASN B 261 12.53 6.45 -18.51
C ASN B 261 13.99 6.70 -18.10
N GLY B 262 14.77 5.65 -17.83
CA GLY B 262 16.20 5.82 -17.61
C GLY B 262 16.90 6.54 -18.75
N SER B 263 16.55 6.18 -19.99
CA SER B 263 17.17 6.86 -21.13
C SER B 263 16.71 8.31 -21.23
N ILE B 264 15.43 8.57 -20.95
CA ILE B 264 14.90 9.93 -21.03
C ILE B 264 15.58 10.83 -20.01
N ALA B 265 15.74 10.32 -18.79
CA ALA B 265 16.42 11.06 -17.74
C ALA B 265 17.88 11.35 -18.12
N TYR B 266 18.58 10.38 -18.71
CA TYR B 266 19.94 10.70 -19.09
C TYR B 266 19.99 11.67 -20.28
N GLN B 267 18.99 11.66 -21.15
CA GLN B 267 19.02 12.69 -22.19
C GLN B 267 18.73 14.08 -21.60
N LYS B 268 17.93 14.13 -20.52
CA LYS B 268 17.72 15.43 -19.85
C LYS B 268 18.99 15.91 -19.14
N LEU B 269 19.73 14.99 -18.53
CA LEU B 269 21.01 15.41 -17.98
C LEU B 269 21.93 15.91 -19.09
N ALA B 270 21.98 15.22 -20.23
CA ALA B 270 22.84 15.65 -21.34
C ALA B 270 22.48 17.05 -21.79
N GLN B 271 21.18 17.32 -21.97
CA GLN B 271 20.77 18.66 -22.40
C GLN B 271 21.14 19.70 -21.34
N SER B 272 21.08 19.33 -20.05
CA SER B 272 21.35 20.30 -19.00
C SER B 272 22.83 20.67 -18.95
N ILE B 273 23.68 19.66 -19.13
CA ILE B 273 25.10 19.90 -19.29
C ILE B 273 25.37 20.75 -20.54
N LEU B 274 24.58 20.56 -21.61
CA LEU B 274 24.87 21.29 -22.86
C LEU B 274 24.49 22.77 -22.81
N GLN B 275 23.47 23.14 -22.01
CA GLN B 275 23.09 24.53 -21.79
C GLN B 275 24.20 25.34 -21.13
N GLY B 276 25.13 24.66 -20.49
CA GLY B 276 26.16 25.26 -19.65
C GLY B 276 26.08 24.68 -18.24
N MET C 13 -38.22 -32.19 -11.40
CA MET C 13 -37.95 -30.76 -11.44
C MET C 13 -38.86 -30.01 -10.49
N MET C 14 -38.28 -29.63 -9.35
CA MET C 14 -38.88 -28.66 -8.43
C MET C 14 -37.87 -27.55 -8.19
N SER C 15 -38.23 -26.29 -8.41
CA SER C 15 -37.27 -25.26 -8.05
C SER C 15 -37.42 -24.93 -6.58
N GLU C 16 -36.28 -24.79 -5.92
CA GLU C 16 -36.28 -24.26 -4.57
C GLU C 16 -36.26 -22.74 -4.64
N ILE C 17 -37.17 -22.11 -3.90
CA ILE C 17 -37.28 -20.67 -3.84
C ILE C 17 -36.68 -20.21 -2.53
N ILE C 18 -35.66 -19.36 -2.65
CA ILE C 18 -34.91 -18.81 -1.56
C ILE C 18 -35.08 -17.29 -1.58
N ALA C 19 -35.64 -16.77 -0.51
CA ALA C 19 -35.71 -15.32 -0.30
C ALA C 19 -34.44 -14.85 0.40
N VAL C 20 -33.86 -13.77 -0.10
CA VAL C 20 -32.80 -13.08 0.60
C VAL C 20 -33.43 -11.89 1.31
N ALA C 21 -33.50 -11.96 2.62
CA ALA C 21 -34.36 -11.02 3.32
C ALA C 21 -33.73 -10.54 4.60
N ASN C 22 -33.99 -9.27 4.89
CA ASN C 22 -33.64 -8.61 6.13
C ASN C 22 -34.26 -7.22 6.10
N GLN C 23 -35.06 -6.92 7.14
CA GLN C 23 -35.73 -5.63 7.29
C GLN C 23 -34.76 -4.44 7.12
N LYS C 24 -33.52 -4.58 7.61
CA LYS C 24 -32.60 -3.45 7.61
C LYS C 24 -31.98 -3.24 6.22
N GLY C 25 -31.75 -1.96 5.87
CA GLY C 25 -31.09 -1.63 4.63
C GLY C 25 -29.60 -1.57 4.83
N GLY C 26 -28.89 -1.73 3.71
CA GLY C 26 -27.44 -1.73 3.68
C GLY C 26 -26.74 -2.92 4.29
N VAL C 27 -27.39 -4.07 4.43
CA VAL C 27 -26.75 -5.21 5.07
C VAL C 27 -26.23 -6.24 4.07
N GLY C 28 -26.32 -5.98 2.77
CA GLY C 28 -25.80 -6.88 1.77
C GLY C 28 -26.79 -7.83 1.11
N LYS C 29 -28.09 -7.56 1.17
CA LYS C 29 -29.05 -8.48 0.56
C LYS C 29 -28.84 -8.59 -0.94
N THR C 30 -28.74 -7.45 -1.63
CA THR C 30 -28.63 -7.48 -3.09
C THR C 30 -27.27 -8.01 -3.52
N THR C 31 -26.21 -7.63 -2.81
CA THR C 31 -24.89 -8.18 -3.09
C THR C 31 -24.90 -9.69 -2.96
N THR C 32 -25.56 -10.20 -1.92
CA THR C 32 -25.70 -11.64 -1.70
C THR C 32 -26.59 -12.29 -2.74
N ALA C 33 -27.74 -11.70 -3.04
CA ALA C 33 -28.63 -12.30 -4.02
C ALA C 33 -27.94 -12.42 -5.37
N VAL C 34 -27.34 -11.32 -5.84
CA VAL C 34 -26.64 -11.32 -7.12
C VAL C 34 -25.49 -12.33 -7.08
N ASN C 35 -24.62 -12.26 -6.09
CA ASN C 35 -23.44 -13.11 -6.20
C ASN C 35 -23.74 -14.56 -5.88
N LEU C 36 -24.77 -14.83 -5.06
CA LEU C 36 -25.19 -16.20 -4.86
C LEU C 36 -25.76 -16.77 -6.13
N ALA C 37 -26.59 -15.99 -6.84
CA ALA C 37 -27.14 -16.42 -8.11
C ALA C 37 -26.02 -16.76 -9.10
N ALA C 38 -25.07 -15.85 -9.24
CA ALA C 38 -23.99 -16.10 -10.18
C ALA C 38 -23.17 -17.32 -9.75
N SER C 39 -22.97 -17.50 -8.44
CA SER C 39 -22.14 -18.59 -7.93
C SER C 39 -22.82 -19.94 -8.07
N LEU C 40 -24.13 -19.93 -8.04
CA LEU C 40 -24.86 -21.14 -8.32
C LEU C 40 -24.92 -21.44 -9.82
N ALA C 41 -24.97 -20.41 -10.70
CA ALA C 41 -25.07 -20.70 -12.12
C ALA C 41 -23.81 -21.41 -12.63
N VAL C 42 -22.64 -20.98 -12.16
CA VAL C 42 -21.38 -21.58 -12.56
C VAL C 42 -21.31 -23.07 -12.20
N HIS C 43 -22.04 -23.49 -11.16
CA HIS C 43 -22.14 -24.93 -10.88
C HIS C 43 -23.16 -25.66 -11.79
N GLU C 44 -23.40 -25.13 -13.00
CA GLU C 44 -24.35 -25.65 -13.96
C GLU C 44 -25.69 -25.95 -13.30
N LYS C 45 -26.26 -24.94 -12.66
CA LYS C 45 -27.67 -25.01 -12.27
C LYS C 45 -28.33 -23.76 -12.83
N LYS C 46 -29.61 -23.88 -13.24
CA LYS C 46 -30.30 -22.76 -13.87
C LYS C 46 -31.03 -21.92 -12.83
N ILE C 47 -30.76 -20.61 -12.85
CA ILE C 47 -31.11 -19.71 -11.75
C ILE C 47 -32.03 -18.62 -12.26
N LEU C 48 -33.08 -18.33 -11.52
CA LEU C 48 -33.86 -17.15 -11.80
C LEU C 48 -33.75 -16.25 -10.60
N LEU C 49 -33.18 -15.07 -10.81
CA LEU C 49 -33.12 -14.05 -9.78
C LEU C 49 -34.22 -13.03 -10.02
N ILE C 50 -34.92 -12.66 -8.95
CA ILE C 50 -36.07 -11.78 -8.99
C ILE C 50 -35.76 -10.53 -8.19
N ASP C 51 -35.65 -9.40 -8.88
CA ASP C 51 -35.50 -8.11 -8.23
C ASP C 51 -36.85 -7.71 -7.64
N PHE C 52 -36.96 -7.78 -6.32
CA PHE C 52 -38.20 -7.45 -5.64
C PHE C 52 -38.10 -6.13 -4.88
N ASP C 53 -37.25 -5.23 -5.35
CA ASP C 53 -37.04 -3.95 -4.68
C ASP C 53 -37.25 -2.84 -5.71
N PRO C 54 -38.13 -1.88 -5.44
CA PRO C 54 -38.39 -0.80 -6.41
C PRO C 54 -37.16 0.00 -6.81
N GLN C 55 -36.18 0.17 -5.92
CA GLN C 55 -34.93 0.81 -6.32
C GLN C 55 -34.16 -0.03 -7.36
N ALA C 56 -34.28 -1.36 -7.32
CA ALA C 56 -33.82 -2.24 -8.41
C ALA C 56 -32.28 -2.31 -8.53
N ASN C 57 -31.59 -2.42 -7.40
CA ASN C 57 -30.13 -2.51 -7.44
C ASN C 57 -29.65 -3.83 -8.02
N ALA C 58 -30.37 -4.94 -7.83
CA ALA C 58 -29.90 -6.19 -8.41
C ALA C 58 -29.86 -6.09 -9.93
N THR C 59 -30.95 -5.58 -10.50
CA THR C 59 -31.05 -5.34 -11.94
C THR C 59 -29.89 -4.49 -12.45
N SER C 60 -29.68 -3.32 -11.84
CA SER C 60 -28.57 -2.44 -12.24
C SER C 60 -27.22 -3.11 -12.04
N SER C 61 -27.09 -3.98 -11.02
CA SER C 61 -25.85 -4.68 -10.78
C SER C 61 -25.58 -5.75 -11.84
N LEU C 62 -26.58 -6.17 -12.59
CA LEU C 62 -26.34 -7.04 -13.73
C LEU C 62 -26.28 -6.27 -15.05
N GLY C 63 -26.24 -4.93 -15.00
CA GLY C 63 -25.98 -4.16 -16.17
C GLY C 63 -27.19 -3.70 -16.96
N PHE C 64 -28.42 -3.98 -16.52
CA PHE C 64 -29.61 -3.49 -17.22
C PHE C 64 -30.03 -2.21 -16.50
N ARG C 65 -29.86 -0.99 -17.09
CA ARG C 65 -30.30 0.16 -16.27
C ARG C 65 -31.79 0.23 -16.35
N ARG C 66 -32.35 0.96 -15.39
CA ARG C 66 -33.80 0.94 -15.20
C ARG C 66 -34.57 1.89 -16.13
N ASP C 67 -33.87 2.77 -16.86
CA ASP C 67 -34.44 3.42 -18.03
C ASP C 67 -34.80 2.41 -19.12
N LYS C 68 -33.90 1.43 -19.36
CA LYS C 68 -33.97 0.43 -20.43
C LYS C 68 -35.00 -0.67 -20.23
N ILE C 69 -35.53 -0.88 -19.04
CA ILE C 69 -36.43 -2.00 -18.81
C ILE C 69 -37.82 -1.65 -19.34
N ASP C 70 -38.47 -2.63 -19.95
CA ASP C 70 -39.76 -2.39 -20.58
C ASP C 70 -40.88 -2.78 -19.60
N TYR C 71 -41.00 -4.05 -19.23
CA TYR C 71 -42.05 -4.50 -18.32
C TYR C 71 -41.41 -5.29 -17.18
N ASP C 72 -41.74 -4.90 -15.95
CA ASP C 72 -41.07 -5.31 -14.72
C ASP C 72 -41.89 -6.36 -13.98
N ILE C 73 -41.38 -6.77 -12.80
CA ILE C 73 -42.12 -7.67 -11.93
C ILE C 73 -43.49 -7.10 -11.55
N TYR C 74 -43.57 -5.78 -11.38
CA TYR C 74 -44.83 -5.18 -10.99
C TYR C 74 -45.95 -5.54 -11.96
N HIS C 75 -45.70 -5.35 -13.27
CA HIS C 75 -46.71 -5.71 -14.27
C HIS C 75 -47.22 -7.11 -14.04
N VAL C 76 -46.33 -8.01 -13.64
CA VAL C 76 -46.73 -9.39 -13.42
C VAL C 76 -47.57 -9.50 -12.16
N LEU C 77 -47.17 -8.85 -11.06
CA LEU C 77 -47.97 -9.00 -9.85
C LEU C 77 -49.40 -8.49 -10.06
N ILE C 78 -49.56 -7.43 -10.84
CA ILE C 78 -50.89 -6.96 -11.19
C ILE C 78 -51.56 -7.88 -12.19
N GLY C 79 -50.82 -8.81 -12.75
CA GLY C 79 -51.38 -9.64 -13.79
C GLY C 79 -51.38 -9.00 -15.16
N ARG C 80 -50.93 -7.76 -15.27
CA ARG C 80 -50.80 -7.12 -16.58
C ARG C 80 -49.93 -7.94 -17.53
N LYS C 81 -48.99 -8.74 -17.02
CA LYS C 81 -48.27 -9.69 -17.86
C LYS C 81 -47.91 -10.92 -17.04
N GLN C 82 -47.40 -11.92 -17.74
CA GLN C 82 -47.08 -13.18 -17.10
C GLN C 82 -45.57 -13.28 -16.99
N ILE C 83 -45.10 -13.99 -15.96
CA ILE C 83 -43.70 -13.88 -15.61
C ILE C 83 -42.79 -14.29 -16.77
N SER C 84 -43.25 -15.19 -17.62
CA SER C 84 -42.43 -15.61 -18.75
C SER C 84 -42.17 -14.47 -19.74
N GLN C 85 -43.01 -13.43 -19.77
CA GLN C 85 -42.73 -12.37 -20.74
C GLN C 85 -41.78 -11.30 -20.21
N VAL C 86 -41.54 -11.22 -18.90
CA VAL C 86 -40.68 -10.20 -18.31
C VAL C 86 -39.25 -10.69 -18.13
N ILE C 87 -39.02 -11.99 -18.18
CA ILE C 87 -37.69 -12.55 -17.92
C ILE C 87 -36.66 -11.96 -18.89
N LEU C 88 -35.42 -11.83 -18.42
CA LEU C 88 -34.30 -11.35 -19.23
C LEU C 88 -33.07 -12.24 -19.01
N LYS C 89 -32.30 -12.35 -20.08
CA LYS C 89 -31.11 -13.18 -20.12
C LYS C 89 -29.91 -12.35 -19.68
N THR C 90 -28.96 -13.03 -19.05
CA THR C 90 -27.82 -12.43 -18.42
C THR C 90 -26.59 -12.75 -19.24
N GLN C 91 -25.49 -12.06 -18.94
CA GLN C 91 -24.21 -12.39 -19.57
C GLN C 91 -23.83 -13.85 -19.27
N MET C 92 -24.39 -14.47 -18.17
CA MET C 92 -24.19 -15.92 -17.94
C MET C 92 -25.41 -16.70 -18.40
N PRO C 93 -25.24 -17.78 -19.15
CA PRO C 93 -26.41 -18.50 -19.70
C PRO C 93 -27.31 -19.16 -18.64
N PHE C 94 -26.80 -19.52 -17.45
CA PHE C 94 -27.60 -20.22 -16.45
C PHE C 94 -28.20 -19.29 -15.39
N LEU C 95 -28.30 -17.98 -15.66
CA LEU C 95 -28.83 -17.04 -14.69
C LEU C 95 -29.75 -16.09 -15.43
N ASP C 96 -31.05 -16.17 -15.22
CA ASP C 96 -31.91 -15.14 -15.76
C ASP C 96 -32.48 -14.30 -14.63
N LEU C 97 -33.08 -13.18 -15.00
CA LEU C 97 -33.49 -12.14 -14.06
C LEU C 97 -34.89 -11.68 -14.43
N VAL C 98 -35.77 -11.57 -13.45
CA VAL C 98 -36.97 -10.76 -13.55
C VAL C 98 -36.65 -9.41 -12.96
N PRO C 99 -36.54 -8.36 -13.77
CA PRO C 99 -36.07 -7.05 -13.30
C PRO C 99 -37.15 -6.30 -12.52
N SER C 100 -36.70 -5.21 -11.93
CA SER C 100 -37.56 -4.35 -11.13
C SER C 100 -37.50 -2.92 -11.67
N ASN C 101 -38.32 -2.07 -11.05
CA ASN C 101 -38.52 -0.70 -11.42
C ASN C 101 -39.35 -0.07 -10.32
N LEU C 102 -39.24 1.25 -10.19
CA LEU C 102 -39.91 1.94 -9.10
C LEU C 102 -41.43 1.85 -9.18
N GLY C 103 -41.96 1.39 -10.31
CA GLY C 103 -43.39 1.13 -10.35
C GLY C 103 -43.84 0.14 -9.29
N LEU C 104 -42.93 -0.75 -8.88
CA LEU C 104 -43.27 -1.71 -7.85
C LEU C 104 -43.53 -1.03 -6.49
N ALA C 105 -43.12 0.23 -6.32
CA ALA C 105 -43.50 1.00 -5.14
C ALA C 105 -45.01 1.20 -5.04
N GLY C 106 -45.74 1.01 -6.15
CA GLY C 106 -47.19 1.00 -6.12
C GLY C 106 -47.75 -0.21 -5.42
N PHE C 107 -46.97 -1.28 -5.29
CA PHE C 107 -47.54 -2.52 -4.80
C PHE C 107 -48.04 -2.38 -3.39
N GLU C 108 -47.37 -1.57 -2.56
CA GLU C 108 -47.86 -1.39 -1.20
C GLU C 108 -49.31 -0.96 -1.23
N LYS C 109 -49.65 0.00 -2.09
CA LYS C 109 -51.04 0.40 -2.15
C LYS C 109 -51.91 -0.78 -2.63
N THR C 110 -51.48 -1.46 -3.70
CA THR C 110 -52.20 -2.64 -4.18
C THR C 110 -52.42 -3.63 -3.05
N PHE C 111 -51.38 -3.88 -2.26
CA PHE C 111 -51.49 -4.88 -1.21
C PHE C 111 -52.70 -4.59 -0.34
N TYR C 112 -52.84 -3.33 0.10
CA TYR C 112 -53.89 -2.97 1.07
C TYR C 112 -55.27 -2.97 0.41
N ASP C 113 -55.37 -2.56 -0.87
CA ASP C 113 -56.63 -2.74 -1.57
C ASP C 113 -57.04 -4.21 -1.54
N SER C 114 -56.08 -5.11 -1.78
CA SER C 114 -56.36 -6.55 -1.74
C SER C 114 -56.92 -6.94 -0.38
N GLN C 115 -56.32 -6.40 0.66
CA GLN C 115 -56.65 -6.64 2.05
C GLN C 115 -58.11 -6.31 2.39
N ASP C 116 -58.69 -5.31 1.69
CA ASP C 116 -60.08 -4.92 1.94
C ASP C 116 -61.04 -6.06 1.62
N GLU C 117 -60.70 -6.85 0.60
CA GLU C 117 -61.57 -7.87 0.05
C GLU C 117 -61.33 -9.31 0.48
N ASN C 118 -60.10 -9.86 0.48
CA ASN C 118 -60.05 -11.29 0.18
C ASN C 118 -59.06 -12.13 0.93
N LYS C 119 -58.35 -11.60 1.91
CA LYS C 119 -57.27 -12.31 2.64
C LYS C 119 -56.15 -12.85 1.71
N ARG C 120 -55.98 -12.29 0.50
CA ARG C 120 -55.08 -12.84 -0.52
C ARG C 120 -53.70 -12.20 -0.68
N GLY C 121 -53.52 -10.94 -0.32
CA GLY C 121 -52.43 -10.17 -0.93
C GLY C 121 -51.02 -10.65 -0.60
N GLU C 122 -50.90 -11.63 0.29
CA GLU C 122 -49.61 -12.13 0.74
C GLU C 122 -48.93 -13.06 -0.25
N LEU C 123 -49.66 -13.58 -1.23
CA LEU C 123 -49.15 -14.61 -2.13
C LEU C 123 -49.17 -14.21 -3.59
N MET C 124 -49.31 -12.93 -3.89
CA MET C 124 -49.31 -12.51 -5.29
C MET C 124 -48.00 -12.80 -5.98
N LEU C 125 -46.88 -12.83 -5.24
CA LEU C 125 -45.64 -13.29 -5.84
C LEU C 125 -45.65 -14.82 -5.99
N LYS C 126 -46.12 -15.53 -4.96
CA LYS C 126 -46.22 -16.99 -5.10
C LYS C 126 -47.07 -17.36 -6.32
N ASN C 127 -48.17 -16.64 -6.53
CA ASN C 127 -48.99 -16.90 -7.70
C ASN C 127 -48.25 -16.57 -8.99
N ALA C 128 -47.51 -15.46 -9.02
CA ALA C 128 -46.76 -15.12 -10.22
C ALA C 128 -45.70 -16.15 -10.54
N LEU C 129 -45.22 -16.88 -9.52
CA LEU C 129 -44.07 -17.72 -9.74
C LEU C 129 -44.41 -19.11 -10.21
N GLU C 130 -45.63 -19.60 -9.96
CA GLU C 130 -45.87 -21.01 -10.24
C GLU C 130 -45.60 -21.31 -11.69
N SER C 131 -45.83 -20.32 -12.55
CA SER C 131 -45.66 -20.44 -13.99
C SER C 131 -44.28 -20.97 -14.39
N VAL C 132 -43.27 -20.80 -13.53
CA VAL C 132 -41.90 -21.15 -13.89
C VAL C 132 -41.22 -21.98 -12.81
N VAL C 133 -41.93 -22.38 -11.74
CA VAL C 133 -41.23 -23.07 -10.68
C VAL C 133 -40.61 -24.37 -11.17
N GLY C 134 -41.11 -24.91 -12.28
CA GLY C 134 -40.53 -26.11 -12.82
C GLY C 134 -39.53 -25.94 -13.94
N LEU C 135 -38.96 -24.74 -14.13
CA LEU C 135 -37.95 -24.58 -15.17
C LEU C 135 -36.64 -23.99 -14.62
N TYR C 136 -36.50 -23.95 -13.31
CA TYR C 136 -35.27 -23.48 -12.69
C TYR C 136 -34.86 -24.46 -11.61
N ASP C 137 -33.57 -24.52 -11.35
CA ASP C 137 -33.08 -25.17 -10.16
C ASP C 137 -33.31 -24.32 -8.91
N TYR C 138 -32.94 -23.04 -8.96
CA TYR C 138 -33.08 -22.14 -7.83
C TYR C 138 -33.67 -20.82 -8.28
N ILE C 139 -34.61 -20.32 -7.51
CA ILE C 139 -35.16 -19.00 -7.68
C ILE C 139 -34.75 -18.18 -6.46
N ILE C 140 -33.96 -17.13 -6.69
CA ILE C 140 -33.41 -16.27 -5.65
C ILE C 140 -34.12 -14.93 -5.73
N ILE C 141 -34.76 -14.51 -4.64
CA ILE C 141 -35.52 -13.27 -4.64
C ILE C 141 -34.80 -12.24 -3.77
N ASP C 142 -34.56 -11.07 -4.34
CA ASP C 142 -33.84 -10.01 -3.65
C ASP C 142 -34.88 -9.03 -3.12
N SER C 143 -34.99 -8.94 -1.77
CA SER C 143 -36.07 -8.29 -1.06
C SER C 143 -35.72 -6.85 -0.75
N PRO C 144 -36.73 -6.02 -0.45
CA PRO C 144 -36.46 -4.63 -0.08
C PRO C 144 -36.29 -4.50 1.42
N PRO C 145 -35.88 -3.30 1.92
CA PRO C 145 -35.64 -3.08 3.35
C PRO C 145 -36.81 -2.62 4.22
N ALA C 146 -37.67 -3.55 4.61
CA ALA C 146 -38.64 -3.34 5.67
C ALA C 146 -39.37 -4.67 5.87
N LEU C 147 -40.32 -4.72 6.80
CA LEU C 147 -41.23 -5.87 6.87
C LEU C 147 -42.61 -5.49 6.34
N GLY C 148 -42.60 -4.85 5.17
CA GLY C 148 -43.80 -4.34 4.55
C GLY C 148 -44.37 -5.36 3.61
N PRO C 149 -45.34 -4.95 2.79
CA PRO C 149 -46.01 -5.93 1.91
C PRO C 149 -45.06 -6.65 0.97
N LEU C 150 -44.02 -5.97 0.46
CA LEU C 150 -43.09 -6.62 -0.45
C LEU C 150 -42.32 -7.73 0.25
N THR C 151 -41.77 -7.45 1.42
CA THR C 151 -41.05 -8.53 2.11
C THR C 151 -42.00 -9.65 2.51
N ILE C 152 -43.26 -9.31 2.80
CA ILE C 152 -44.23 -10.35 3.15
C ILE C 152 -44.47 -11.28 1.96
N ASN C 153 -44.66 -10.71 0.77
CA ASN C 153 -44.80 -11.54 -0.43
C ASN C 153 -43.56 -12.39 -0.66
N SER C 154 -42.39 -11.78 -0.44
CA SER C 154 -41.14 -12.50 -0.63
C SER C 154 -41.06 -13.73 0.27
N LEU C 155 -41.31 -13.54 1.56
CA LEU C 155 -41.23 -14.68 2.48
C LEU C 155 -42.37 -15.67 2.29
N SER C 156 -43.53 -15.23 1.78
CA SER C 156 -44.62 -16.16 1.52
C SER C 156 -44.42 -16.94 0.24
N ALA C 157 -43.50 -16.51 -0.63
CA ALA C 157 -43.19 -17.26 -1.84
C ALA C 157 -42.06 -18.26 -1.65
N ALA C 158 -41.40 -18.27 -0.51
CA ALA C 158 -40.14 -18.98 -0.40
C ALA C 158 -40.27 -20.33 0.30
N HIS C 159 -39.40 -21.26 -0.11
CA HIS C 159 -39.18 -22.45 0.71
C HIS C 159 -38.21 -22.11 1.84
N SER C 160 -37.21 -21.31 1.55
CA SER C 160 -36.15 -21.06 2.49
C SER C 160 -35.82 -19.57 2.45
N VAL C 161 -35.15 -19.13 3.50
CA VAL C 161 -34.77 -17.74 3.62
C VAL C 161 -33.31 -17.68 4.02
N ILE C 162 -32.53 -16.90 3.28
CA ILE C 162 -31.16 -16.50 3.62
C ILE C 162 -31.23 -15.15 4.32
N ILE C 163 -30.66 -15.06 5.52
CA ILE C 163 -30.62 -13.82 6.28
C ILE C 163 -29.20 -13.31 6.39
N PRO C 164 -28.85 -12.32 5.58
CA PRO C 164 -27.53 -11.67 5.68
C PRO C 164 -27.50 -10.67 6.83
N ILE C 165 -26.43 -10.73 7.63
CA ILE C 165 -26.33 -10.01 8.89
C ILE C 165 -25.03 -9.21 8.93
N GLN C 166 -25.16 -7.88 9.04
CA GLN C 166 -23.99 -7.07 9.29
C GLN C 166 -23.86 -6.98 10.79
N CYS C 167 -22.66 -7.22 11.31
CA CYS C 167 -22.54 -7.51 12.74
C CYS C 167 -22.29 -6.21 13.51
N GLU C 168 -23.29 -5.36 13.50
CA GLU C 168 -23.26 -4.18 14.31
C GLU C 168 -24.41 -4.25 15.29
N PHE C 169 -24.50 -3.27 16.20
CA PHE C 169 -25.40 -3.43 17.34
C PHE C 169 -26.83 -3.67 16.90
N PHE C 170 -27.28 -2.98 15.85
CA PHE C 170 -28.69 -3.06 15.50
C PHE C 170 -29.08 -4.40 14.88
N ALA C 171 -28.10 -5.28 14.59
CA ALA C 171 -28.41 -6.62 14.13
C ALA C 171 -29.09 -7.43 15.25
N LEU C 172 -28.82 -7.11 16.50
CA LEU C 172 -29.52 -7.85 17.55
C LEU C 172 -31.04 -7.77 17.45
N GLU C 173 -31.55 -6.56 17.73
CA GLU C 173 -32.97 -6.28 17.55
C GLU C 173 -33.48 -6.71 16.20
N GLY C 174 -32.81 -6.25 15.16
CA GLY C 174 -33.36 -6.47 13.83
C GLY C 174 -33.61 -7.93 13.64
N THR C 175 -32.65 -8.76 14.07
CA THR C 175 -32.79 -10.19 13.87
C THR C 175 -34.05 -10.71 14.55
N LYS C 176 -34.22 -10.40 15.84
CA LYS C 176 -35.39 -10.91 16.55
C LYS C 176 -36.66 -10.56 15.80
N LEU C 177 -36.80 -9.30 15.39
CA LEU C 177 -38.00 -8.90 14.68
C LEU C 177 -38.26 -9.75 13.44
N LEU C 178 -37.23 -9.90 12.57
CA LEU C 178 -37.40 -10.70 11.35
C LEU C 178 -37.89 -12.10 11.67
N LEU C 179 -37.28 -12.75 12.69
CA LEU C 179 -37.67 -14.12 12.98
C LEU C 179 -39.12 -14.21 13.39
N ASN C 180 -39.64 -13.19 14.09
CA ASN C 180 -41.03 -13.27 14.53
C ASN C 180 -41.95 -13.18 13.32
N THR C 181 -41.56 -12.36 12.36
CA THR C 181 -42.29 -12.28 11.11
C THR C 181 -42.33 -13.64 10.44
N ILE C 182 -41.20 -14.37 10.46
CA ILE C 182 -41.18 -15.70 9.89
C ILE C 182 -42.05 -16.65 10.70
N ARG C 183 -42.00 -16.57 12.05
CA ARG C 183 -42.66 -17.62 12.84
C ARG C 183 -44.17 -17.46 12.74
N MET C 184 -44.61 -16.20 12.60
CA MET C 184 -46.02 -15.89 12.39
C MET C 184 -46.48 -16.38 11.03
N LEU C 185 -45.65 -16.20 10.00
CA LEU C 185 -46.04 -16.76 8.72
C LEU C 185 -45.87 -18.26 8.72
N GLN C 186 -45.00 -18.82 9.58
CA GLN C 186 -45.00 -20.27 9.62
C GLN C 186 -46.30 -20.78 10.21
N LYS C 187 -46.98 -19.95 10.99
CA LYS C 187 -48.33 -20.26 11.43
C LYS C 187 -49.39 -19.68 10.51
N SER C 188 -49.03 -18.72 9.65
CA SER C 188 -50.00 -18.09 8.77
C SER C 188 -50.02 -18.75 7.41
N THR C 189 -49.29 -18.09 6.51
CA THR C 189 -49.40 -18.24 5.07
C THR C 189 -48.52 -19.36 4.54
N ASN C 190 -47.31 -19.49 5.09
CA ASN C 190 -46.26 -20.33 4.55
C ASN C 190 -45.74 -21.25 5.65
N PRO C 191 -46.36 -22.44 5.82
CA PRO C 191 -46.02 -23.30 6.97
C PRO C 191 -44.70 -24.04 6.81
N LYS C 192 -44.31 -24.36 5.56
CA LYS C 192 -42.97 -24.89 5.26
C LYS C 192 -41.85 -23.90 5.16
N LEU C 193 -42.02 -22.67 5.57
CA LEU C 193 -40.91 -21.74 5.50
C LEU C 193 -39.80 -22.16 6.46
N LYS C 194 -38.56 -22.23 5.96
CA LYS C 194 -37.41 -22.50 6.81
C LYS C 194 -36.35 -21.43 6.59
N ILE C 195 -35.53 -21.21 7.61
CA ILE C 195 -34.36 -20.38 7.44
C ILE C 195 -33.24 -21.30 6.99
N ARG C 196 -32.71 -21.04 5.79
CA ARG C 196 -31.60 -21.84 5.29
C ARG C 196 -30.29 -21.37 5.93
N GLY C 197 -30.22 -20.13 6.39
CA GLY C 197 -29.03 -19.73 7.13
C GLY C 197 -28.91 -18.26 7.42
N PHE C 198 -28.17 -17.97 8.48
CA PHE C 198 -27.63 -16.64 8.70
C PHE C 198 -26.29 -16.51 7.99
N LEU C 199 -26.04 -15.34 7.43
CA LEU C 199 -24.80 -15.13 6.69
C LEU C 199 -24.18 -13.80 7.13
N PRO C 200 -23.09 -13.81 7.88
CA PRO C 200 -22.48 -12.52 8.25
C PRO C 200 -21.85 -11.86 7.03
N THR C 201 -22.19 -10.58 6.81
CA THR C 201 -21.73 -9.86 5.63
C THR C 201 -20.85 -8.70 6.06
N MET C 202 -20.03 -8.22 5.12
CA MET C 202 -19.13 -7.12 5.38
C MET C 202 -18.35 -7.35 6.65
N HIS C 203 -17.91 -8.58 6.82
CA HIS C 203 -17.40 -9.04 8.10
C HIS C 203 -15.95 -8.61 8.26
N VAL C 204 -15.68 -7.89 9.34
CA VAL C 204 -14.33 -7.49 9.74
C VAL C 204 -14.05 -8.24 11.04
N PRO C 205 -13.33 -9.35 11.02
CA PRO C 205 -13.32 -10.22 12.21
C PRO C 205 -12.61 -9.65 13.44
N GLN C 206 -11.69 -8.71 13.31
CA GLN C 206 -10.96 -8.31 14.51
C GLN C 206 -11.69 -7.25 15.33
N LEU C 207 -12.75 -6.63 14.81
CA LEU C 207 -13.37 -5.55 15.56
C LEU C 207 -14.07 -6.11 16.79
N ASN C 208 -13.90 -5.41 17.91
CA ASN C 208 -14.52 -5.91 19.12
C ASN C 208 -16.03 -5.87 19.01
N LEU C 209 -16.59 -4.84 18.36
CA LEU C 209 -18.03 -4.81 18.20
C LEU C 209 -18.49 -6.03 17.43
N THR C 210 -17.70 -6.44 16.42
CA THR C 210 -18.00 -7.64 15.64
C THR C 210 -17.98 -8.90 16.51
N LYS C 211 -16.94 -9.05 17.33
CA LYS C 211 -16.84 -10.25 18.15
C LYS C 211 -18.02 -10.35 19.11
N GLY C 212 -18.40 -9.21 19.72
CA GLY C 212 -19.51 -9.20 20.67
C GLY C 212 -20.87 -9.44 20.03
N VAL C 213 -21.14 -8.82 18.87
CA VAL C 213 -22.43 -9.06 18.21
C VAL C 213 -22.53 -10.51 17.72
N LEU C 214 -21.45 -11.05 17.17
CA LEU C 214 -21.51 -12.45 16.76
C LEU C 214 -21.66 -13.36 17.97
N ALA C 215 -21.06 -13.02 19.11
CA ALA C 215 -21.20 -13.85 20.30
C ALA C 215 -22.66 -13.88 20.78
N GLU C 216 -23.28 -12.71 20.84
CA GLU C 216 -24.68 -12.61 21.24
C GLU C 216 -25.59 -13.34 20.23
N LEU C 217 -25.29 -13.26 18.94
CA LEU C 217 -26.08 -14.01 17.98
C LEU C 217 -25.86 -15.52 18.12
N PHE C 218 -24.61 -15.94 18.37
CA PHE C 218 -24.30 -17.36 18.41
C PHE C 218 -25.04 -18.04 19.54
N LYS C 219 -25.09 -17.37 20.69
CA LYS C 219 -25.81 -17.88 21.85
C LYS C 219 -27.21 -18.40 21.51
N TYR C 220 -27.91 -17.78 20.54
CA TYR C 220 -29.27 -18.22 20.15
C TYR C 220 -29.33 -18.92 18.79
N PHE C 221 -28.29 -18.79 17.97
CA PHE C 221 -28.44 -19.11 16.56
C PHE C 221 -27.25 -19.87 15.95
N ASP C 222 -26.27 -20.31 16.75
CA ASP C 222 -25.09 -21.01 16.22
C ASP C 222 -25.47 -22.09 15.20
N SER C 223 -26.51 -22.86 15.47
CA SER C 223 -26.95 -23.90 14.54
C SER C 223 -27.34 -23.30 13.20
N GLU C 224 -27.91 -22.09 13.21
CA GLU C 224 -28.43 -21.48 11.98
C GLU C 224 -27.34 -20.94 11.06
N PHE C 225 -26.09 -20.81 11.50
CA PHE C 225 -25.13 -20.06 10.71
C PHE C 225 -24.50 -20.91 9.61
N PHE C 226 -24.39 -20.32 8.42
CA PHE C 226 -23.84 -21.02 7.27
C PHE C 226 -22.45 -21.57 7.55
N ARG C 227 -22.22 -22.79 7.06
CA ARG C 227 -20.96 -23.48 7.29
C ARG C 227 -20.45 -24.13 6.00
N ASP C 228 -19.13 -24.21 5.94
CA ASP C 228 -18.43 -24.88 4.86
C ASP C 228 -18.60 -26.40 4.94
N SER C 229 -19.15 -27.00 3.85
CA SER C 229 -19.47 -28.42 3.80
C SER C 229 -18.34 -29.27 4.32
N ALA C 230 -17.14 -28.95 3.82
CA ALA C 230 -15.92 -29.72 4.04
C ALA C 230 -15.37 -29.59 5.47
N THR C 231 -15.15 -28.36 5.96
CA THR C 231 -14.43 -28.15 7.22
C THR C 231 -15.34 -27.77 8.39
N GLY C 232 -16.61 -27.46 8.14
CA GLY C 232 -17.43 -26.96 9.21
C GLY C 232 -17.12 -25.54 9.68
N GLU C 233 -16.23 -24.84 8.98
CA GLU C 233 -15.97 -23.44 9.31
C GLU C 233 -17.19 -22.59 8.94
N TYR C 234 -17.39 -21.51 9.68
CA TYR C 234 -18.42 -20.55 9.28
C TYR C 234 -18.08 -19.98 7.92
N ILE C 235 -19.11 -19.70 7.14
CA ILE C 235 -18.99 -18.90 5.93
C ILE C 235 -19.42 -17.47 6.23
N MET C 236 -18.49 -16.53 6.12
CA MET C 236 -18.84 -15.11 6.24
C MET C 236 -18.23 -14.33 5.09
N ILE C 237 -19.01 -13.42 4.51
CA ILE C 237 -18.52 -12.57 3.42
C ILE C 237 -17.62 -11.48 4.00
N PRO C 238 -16.35 -11.45 3.62
CA PRO C 238 -15.45 -10.42 4.16
C PRO C 238 -15.83 -9.07 3.61
N LYS C 239 -15.57 -8.03 4.41
CA LYS C 239 -15.68 -6.69 3.89
C LYS C 239 -14.58 -6.51 2.84
N SER C 240 -14.98 -6.11 1.64
CA SER C 240 -14.09 -6.12 0.49
C SER C 240 -14.54 -5.01 -0.45
N VAL C 241 -13.70 -3.99 -0.63
CA VAL C 241 -14.07 -2.95 -1.58
C VAL C 241 -14.29 -3.50 -3.00
N LYS C 242 -13.68 -4.65 -3.36
CA LYS C 242 -13.93 -5.25 -4.68
C LYS C 242 -15.41 -5.61 -4.86
N LEU C 243 -16.08 -6.05 -3.78
CA LEU C 243 -17.50 -6.34 -3.91
C LEU C 243 -18.34 -5.09 -4.02
N ALA C 244 -17.86 -3.98 -3.50
CA ALA C 244 -18.64 -2.77 -3.69
C ALA C 244 -18.38 -2.17 -5.08
N GLU C 245 -17.19 -2.39 -5.65
CA GLU C 245 -16.98 -1.94 -7.03
C GLU C 245 -17.71 -2.82 -8.03
N SER C 246 -18.02 -4.09 -7.68
CA SER C 246 -18.63 -5.02 -8.65
C SER C 246 -19.85 -4.49 -9.40
N PRO C 247 -20.86 -3.90 -8.76
CA PRO C 247 -21.98 -3.36 -9.55
C PRO C 247 -21.54 -2.29 -10.53
N SER C 248 -20.40 -1.64 -10.27
CA SER C 248 -19.90 -0.63 -11.19
C SER C 248 -19.55 -1.20 -12.55
N PHE C 249 -19.49 -2.53 -12.67
CA PHE C 249 -19.16 -3.19 -13.92
C PHE C 249 -20.30 -3.97 -14.55
N GLY C 250 -21.51 -3.85 -14.01
CA GLY C 250 -22.64 -4.64 -14.48
C GLY C 250 -22.44 -6.14 -14.35
N LYS C 251 -21.49 -6.57 -13.52
CA LYS C 251 -21.21 -8.00 -13.36
C LYS C 251 -21.09 -8.40 -11.90
N PRO C 252 -21.39 -9.66 -11.61
CA PRO C 252 -21.01 -10.22 -10.30
C PRO C 252 -19.52 -10.55 -10.29
N ILE C 253 -18.94 -10.47 -9.11
CA ILE C 253 -17.50 -10.58 -8.98
C ILE C 253 -16.95 -11.91 -9.51
N LEU C 254 -17.81 -12.90 -9.76
CA LEU C 254 -17.32 -14.17 -10.31
C LEU C 254 -16.67 -13.99 -11.67
N LEU C 255 -17.21 -13.09 -12.48
CA LEU C 255 -16.56 -12.71 -13.73
C LEU C 255 -15.59 -11.56 -13.51
N TYR C 256 -15.94 -10.62 -12.62
CA TYR C 256 -15.17 -9.38 -12.45
C TYR C 256 -13.86 -9.64 -11.69
N ASP C 257 -13.85 -10.56 -10.72
CA ASP C 257 -12.60 -11.14 -10.17
C ASP C 257 -12.78 -12.36 -9.29
N ILE C 258 -12.67 -13.54 -9.89
CA ILE C 258 -13.02 -14.81 -9.25
C ILE C 258 -12.02 -15.26 -8.18
N LYS C 259 -10.99 -14.47 -7.90
CA LYS C 259 -10.04 -14.87 -6.85
C LYS C 259 -10.01 -13.94 -5.63
N SER C 260 -10.67 -12.79 -5.68
CA SER C 260 -10.93 -11.97 -4.49
C SER C 260 -11.53 -12.80 -3.35
N ASN C 261 -11.27 -12.36 -2.12
CA ASN C 261 -11.84 -13.06 -0.99
C ASN C 261 -13.36 -12.98 -0.99
N GLY C 262 -13.91 -11.84 -1.42
CA GLY C 262 -15.37 -11.77 -1.56
C GLY C 262 -15.92 -12.85 -2.47
N SER C 263 -15.28 -13.03 -3.62
CA SER C 263 -15.73 -14.00 -4.61
C SER C 263 -15.60 -15.43 -4.08
N ILE C 264 -14.48 -15.72 -3.39
CA ILE C 264 -14.29 -17.04 -2.83
C ILE C 264 -15.36 -17.34 -1.78
N ALA C 265 -15.68 -16.35 -0.93
CA ALA C 265 -16.67 -16.58 0.12
C ALA C 265 -18.03 -16.88 -0.48
N TYR C 266 -18.41 -16.17 -1.54
CA TYR C 266 -19.71 -16.45 -2.15
C TYR C 266 -19.73 -17.80 -2.86
N GLN C 267 -18.61 -18.21 -3.43
CA GLN C 267 -18.67 -19.53 -4.06
C GLN C 267 -18.66 -20.65 -3.03
N LYS C 268 -18.05 -20.41 -1.87
CA LYS C 268 -18.22 -21.35 -0.78
C LYS C 268 -19.65 -21.38 -0.27
N LEU C 269 -20.30 -20.23 -0.25
CA LEU C 269 -21.71 -20.20 0.10
C LEU C 269 -22.53 -21.02 -0.90
N ALA C 270 -22.22 -20.91 -2.19
CA ALA C 270 -22.92 -21.70 -3.21
C ALA C 270 -22.76 -23.21 -2.95
N GLN C 271 -21.53 -23.64 -2.71
CA GLN C 271 -21.31 -25.06 -2.50
C GLN C 271 -22.10 -25.58 -1.30
N SER C 272 -22.14 -24.78 -0.23
CA SER C 272 -22.84 -25.17 0.97
C SER C 272 -24.34 -25.23 0.73
N ILE C 273 -24.89 -24.27 -0.01
CA ILE C 273 -26.28 -24.37 -0.40
C ILE C 273 -26.51 -25.65 -1.18
N LEU C 274 -25.53 -26.03 -2.01
CA LEU C 274 -25.66 -27.17 -2.90
C LEU C 274 -25.55 -28.52 -2.19
N GLN C 275 -24.94 -28.58 -1.00
CA GLN C 275 -24.97 -29.85 -0.27
C GLN C 275 -26.36 -30.24 0.23
N GLY C 276 -27.24 -29.25 0.48
CA GLY C 276 -28.52 -29.52 1.12
C GLY C 276 -28.77 -28.76 2.41
N MET D 13 -40.96 31.36 20.29
CA MET D 13 -40.08 31.08 19.15
C MET D 13 -40.71 30.05 18.22
N MET D 14 -39.98 29.72 17.16
CA MET D 14 -40.30 28.59 16.32
C MET D 14 -39.11 27.66 16.24
N SER D 15 -39.39 26.38 16.40
CA SER D 15 -38.32 25.38 16.39
C SER D 15 -38.06 25.07 14.93
N GLU D 16 -36.77 24.95 14.53
CA GLU D 16 -36.47 24.54 13.15
C GLU D 16 -36.56 23.03 13.03
N ILE D 17 -37.29 22.55 12.02
CA ILE D 17 -37.52 21.12 11.82
C ILE D 17 -36.64 20.61 10.69
N ILE D 18 -35.78 19.65 11.04
CA ILE D 18 -34.82 19.06 10.12
C ILE D 18 -35.15 17.58 10.01
N ALA D 19 -35.45 17.14 8.80
CA ALA D 19 -35.57 15.72 8.49
C ALA D 19 -34.19 15.18 8.11
N VAL D 20 -33.80 14.03 8.69
CA VAL D 20 -32.67 13.23 8.21
C VAL D 20 -33.26 12.09 7.40
N ALA D 21 -33.02 12.15 6.08
CA ALA D 21 -33.74 11.38 5.08
C ALA D 21 -32.80 10.90 3.98
N ASN D 22 -33.11 9.72 3.45
CA ASN D 22 -32.42 9.18 2.28
C ASN D 22 -33.06 7.87 1.85
N GLN D 23 -33.30 7.76 0.55
CA GLN D 23 -33.95 6.61 -0.05
C GLN D 23 -33.38 5.28 0.47
N LYS D 24 -32.07 5.15 0.58
CA LYS D 24 -31.51 3.88 1.02
C LYS D 24 -31.18 3.82 2.52
N GLY D 25 -31.19 2.56 3.05
CA GLY D 25 -30.84 2.31 4.44
C GLY D 25 -29.37 1.95 4.65
N GLY D 26 -28.94 2.06 5.91
CA GLY D 26 -27.56 1.80 6.27
C GLY D 26 -26.57 2.84 5.80
N VAL D 27 -27.04 4.05 5.50
CA VAL D 27 -26.16 5.12 5.07
C VAL D 27 -25.86 6.08 6.22
N GLY D 28 -26.32 5.76 7.41
CA GLY D 28 -26.05 6.55 8.58
C GLY D 28 -27.13 7.51 9.03
N LYS D 29 -28.37 7.38 8.57
CA LYS D 29 -29.40 8.33 8.95
C LYS D 29 -29.56 8.41 10.46
N THR D 30 -29.65 7.24 11.10
CA THR D 30 -29.95 7.22 12.52
C THR D 30 -28.77 7.73 13.33
N THR D 31 -27.55 7.39 12.91
CA THR D 31 -26.36 7.86 13.60
C THR D 31 -26.24 9.37 13.57
N THR D 32 -26.42 9.99 12.39
CA THR D 32 -26.31 11.43 12.35
C THR D 32 -27.49 12.07 13.06
N ALA D 33 -28.71 11.56 12.87
CA ALA D 33 -29.82 12.15 13.61
C ALA D 33 -29.54 12.16 15.12
N VAL D 34 -29.13 11.01 15.69
CA VAL D 34 -28.91 10.93 17.13
C VAL D 34 -27.80 11.89 17.55
N ASN D 35 -26.63 11.81 16.89
CA ASN D 35 -25.47 12.57 17.35
C ASN D 35 -25.56 14.03 17.03
N LEU D 36 -26.26 14.40 15.97
CA LEU D 36 -26.57 15.80 15.78
C LEU D 36 -27.47 16.28 16.91
N ALA D 37 -28.47 15.48 17.28
CA ALA D 37 -29.33 15.93 18.38
C ALA D 37 -28.47 16.19 19.62
N ALA D 38 -27.61 15.23 19.95
CA ALA D 38 -26.78 15.40 21.13
C ALA D 38 -25.81 16.59 21.02
N SER D 39 -25.20 16.81 19.83
CA SER D 39 -24.19 17.85 19.63
C SER D 39 -24.80 19.23 19.65
N LEU D 40 -26.06 19.37 19.25
CA LEU D 40 -26.74 20.65 19.42
C LEU D 40 -27.19 20.85 20.88
N ALA D 41 -27.54 19.75 21.58
CA ALA D 41 -27.92 19.83 22.99
C ALA D 41 -26.75 20.30 23.86
N VAL D 42 -25.51 19.95 23.48
CA VAL D 42 -24.34 20.46 24.19
C VAL D 42 -24.25 21.99 24.15
N HIS D 43 -24.67 22.61 23.05
CA HIS D 43 -24.73 24.08 22.92
C HIS D 43 -25.98 24.66 23.60
N GLU D 44 -26.51 23.92 24.58
CA GLU D 44 -27.76 24.28 25.28
C GLU D 44 -28.79 24.96 24.34
N LYS D 45 -29.19 24.19 23.35
CA LYS D 45 -30.42 24.44 22.61
C LYS D 45 -31.28 23.21 22.92
N LYS D 46 -32.60 23.40 23.07
CA LYS D 46 -33.46 22.30 23.48
C LYS D 46 -34.02 21.58 22.25
N ILE D 47 -33.81 20.26 22.17
CA ILE D 47 -34.07 19.50 20.94
C ILE D 47 -34.94 18.30 21.23
N LEU D 48 -35.84 18.02 20.30
CA LEU D 48 -36.63 16.78 20.31
C LEU D 48 -36.18 15.92 19.14
N LEU D 49 -35.76 14.70 19.42
CA LEU D 49 -35.49 13.73 18.38
C LEU D 49 -36.72 12.86 18.26
N ILE D 50 -37.17 12.66 17.02
CA ILE D 50 -38.39 11.94 16.72
C ILE D 50 -37.98 10.67 15.99
N ASP D 51 -38.11 9.52 16.65
CA ASP D 51 -37.86 8.26 15.98
C ASP D 51 -39.05 7.99 15.08
N PHE D 52 -38.87 8.08 13.77
CA PHE D 52 -39.94 7.85 12.82
C PHE D 52 -39.72 6.55 12.06
N ASP D 53 -39.05 5.60 12.70
CA ASP D 53 -38.70 4.37 12.04
C ASP D 53 -39.26 3.22 12.87
N PRO D 54 -40.05 2.33 12.27
CA PRO D 54 -40.60 1.20 13.04
C PRO D 54 -39.54 0.29 13.65
N GLN D 55 -38.38 0.20 13.01
CA GLN D 55 -37.27 -0.53 13.62
C GLN D 55 -36.75 0.18 14.87
N ALA D 56 -36.82 1.52 14.91
CA ALA D 56 -36.63 2.32 16.12
C ALA D 56 -35.19 2.31 16.62
N ASN D 57 -34.24 2.43 15.72
CA ASN D 57 -32.85 2.44 16.15
C ASN D 57 -32.51 3.71 16.93
N ALA D 58 -33.17 4.84 16.68
CA ALA D 58 -32.85 6.02 17.47
C ALA D 58 -33.24 5.80 18.96
N THR D 59 -34.43 5.26 19.18
CA THR D 59 -34.89 4.91 20.54
C THR D 59 -33.88 4.02 21.26
N SER D 60 -33.48 2.92 20.63
CA SER D 60 -32.51 2.04 21.24
C SER D 60 -31.18 2.75 21.42
N SER D 61 -30.84 3.68 20.53
CA SER D 61 -29.55 4.35 20.66
C SER D 61 -29.52 5.30 21.85
N LEU D 62 -30.67 5.74 22.35
CA LEU D 62 -30.63 6.59 23.54
C LEU D 62 -30.93 5.82 24.83
N GLY D 63 -30.96 4.48 24.78
CA GLY D 63 -31.09 3.65 25.96
C GLY D 63 -32.48 3.17 26.31
N PHE D 64 -33.45 3.36 25.44
CA PHE D 64 -34.81 2.95 25.73
C PHE D 64 -35.07 1.56 25.19
N ARG D 65 -35.38 0.65 26.10
CA ARG D 65 -35.61 -0.76 25.81
C ARG D 65 -37.01 -0.96 25.28
N ARG D 66 -37.18 -1.83 24.28
CA ARG D 66 -38.48 -1.63 23.64
C ARG D 66 -39.51 -2.50 24.35
N ASP D 67 -39.08 -3.22 25.40
CA ASP D 67 -40.02 -3.70 26.42
C ASP D 67 -40.70 -2.52 27.10
N LYS D 68 -39.92 -1.48 27.51
CA LYS D 68 -40.52 -0.34 28.22
C LYS D 68 -41.46 0.46 27.33
N ILE D 69 -41.55 0.19 26.02
CA ILE D 69 -42.32 1.01 25.10
C ILE D 69 -43.79 0.66 25.23
N ASP D 70 -44.58 1.69 25.35
CA ASP D 70 -45.97 1.47 25.68
C ASP D 70 -46.75 2.42 24.77
N TYR D 71 -46.51 3.74 24.83
CA TYR D 71 -47.26 4.60 23.93
C TYR D 71 -46.31 5.42 23.01
N ASP D 72 -46.40 5.12 21.64
CA ASP D 72 -45.46 5.45 20.55
C ASP D 72 -45.86 6.77 19.93
N ILE D 73 -45.12 7.17 18.88
CA ILE D 73 -45.58 8.23 17.97
C ILE D 73 -46.84 7.81 17.19
N TYR D 74 -46.94 6.52 16.82
CA TYR D 74 -48.10 6.02 16.08
C TYR D 74 -49.37 6.41 16.81
N HIS D 75 -49.38 6.27 18.14
CA HIS D 75 -50.57 6.68 18.87
C HIS D 75 -50.88 8.12 18.60
N VAL D 76 -49.85 8.97 18.48
CA VAL D 76 -50.11 10.39 18.34
C VAL D 76 -50.68 10.72 16.98
N LEU D 77 -50.11 10.15 15.93
CA LEU D 77 -50.58 10.51 14.60
C LEU D 77 -52.03 10.12 14.37
N ILE D 78 -52.48 9.03 14.97
CA ILE D 78 -53.89 8.64 14.86
C ILE D 78 -54.79 9.46 15.77
N GLY D 79 -54.22 10.29 16.65
CA GLY D 79 -55.03 11.03 17.63
C GLY D 79 -55.33 10.31 18.91
N ARG D 80 -54.86 9.11 19.04
CA ARG D 80 -54.94 8.34 20.24
C ARG D 80 -54.25 9.09 21.40
N LYS D 81 -53.25 9.92 21.05
CA LYS D 81 -52.59 10.84 21.96
C LYS D 81 -52.06 12.06 21.20
N GLN D 82 -51.61 13.03 21.98
CA GLN D 82 -50.93 14.17 21.40
C GLN D 82 -49.48 14.08 21.80
N ILE D 83 -48.66 14.73 21.00
CA ILE D 83 -47.23 14.53 21.01
C ILE D 83 -46.66 14.68 22.42
N SER D 84 -47.29 15.52 23.25
CA SER D 84 -46.84 15.82 24.60
C SER D 84 -46.94 14.63 25.58
N GLN D 85 -47.81 13.65 25.33
CA GLN D 85 -47.82 12.50 26.27
C GLN D 85 -46.78 11.44 25.90
N VAL D 86 -46.17 11.49 24.73
CA VAL D 86 -45.21 10.46 24.35
C VAL D 86 -43.78 10.87 24.64
N ILE D 87 -43.50 12.18 24.79
CA ILE D 87 -42.12 12.64 24.98
C ILE D 87 -41.50 12.08 26.24
N LEU D 88 -40.19 11.81 26.18
CA LEU D 88 -39.49 11.28 27.33
C LEU D 88 -38.17 12.02 27.46
N LYS D 89 -37.72 12.19 28.70
CA LYS D 89 -36.46 12.87 28.95
C LYS D 89 -35.32 11.85 28.82
N THR D 90 -34.17 12.32 28.32
CA THR D 90 -33.01 11.46 28.05
C THR D 90 -31.90 11.80 29.03
N GLN D 91 -30.84 11.00 28.98
CA GLN D 91 -29.71 11.34 29.82
C GLN D 91 -29.20 12.74 29.54
N MET D 92 -29.52 13.30 28.32
CA MET D 92 -29.18 14.72 28.14
C MET D 92 -30.36 15.59 28.52
N PRO D 93 -30.16 16.57 29.39
CA PRO D 93 -31.31 17.41 29.84
C PRO D 93 -31.87 18.25 28.72
N PHE D 94 -31.06 18.57 27.69
CA PHE D 94 -31.50 19.41 26.59
C PHE D 94 -31.88 18.61 25.37
N LEU D 95 -32.16 17.32 25.55
CA LEU D 95 -32.51 16.41 24.45
C LEU D 95 -33.63 15.48 24.91
N ASP D 96 -34.82 15.64 24.37
CA ASP D 96 -35.86 14.67 24.64
C ASP D 96 -36.17 13.86 23.38
N LEU D 97 -36.98 12.83 23.59
CA LEU D 97 -37.20 11.86 22.53
C LEU D 97 -38.67 11.48 22.44
N VAL D 98 -39.19 11.45 21.23
CA VAL D 98 -40.41 10.73 20.90
C VAL D 98 -40.01 9.33 20.43
N PRO D 99 -40.26 8.28 21.22
CA PRO D 99 -39.81 6.95 20.86
C PRO D 99 -40.70 6.34 19.80
N SER D 100 -40.20 5.27 19.20
CA SER D 100 -40.88 4.52 18.18
C SER D 100 -40.99 3.04 18.57
N ASN D 101 -41.61 2.27 17.67
CA ASN D 101 -42.07 0.93 17.92
C ASN D 101 -42.45 0.35 16.58
N LEU D 102 -42.40 -0.98 16.48
CA LEU D 102 -42.85 -1.59 15.24
C LEU D 102 -44.35 -1.41 15.01
N GLY D 103 -45.10 -0.98 16.02
CA GLY D 103 -46.47 -0.59 15.81
C GLY D 103 -46.60 0.53 14.81
N LEU D 104 -45.57 1.35 14.69
CA LEU D 104 -45.65 2.43 13.71
C LEU D 104 -45.68 1.91 12.28
N ALA D 105 -45.31 0.64 12.07
CA ALA D 105 -45.49 0.07 10.74
C ALA D 105 -46.95 0.05 10.31
N GLY D 106 -47.89 0.20 11.25
CA GLY D 106 -49.27 0.27 10.87
C GLY D 106 -49.62 1.51 10.09
N PHE D 107 -48.82 2.58 10.24
CA PHE D 107 -49.23 3.88 9.71
C PHE D 107 -49.39 3.86 8.19
N GLU D 108 -48.57 3.10 7.46
CA GLU D 108 -48.70 3.11 6.03
C GLU D 108 -50.11 2.66 5.60
N LYS D 109 -50.70 1.65 6.26
CA LYS D 109 -52.08 1.33 5.88
C LYS D 109 -52.99 2.53 6.09
N THR D 110 -52.91 3.14 7.27
CA THR D 110 -53.69 4.33 7.55
C THR D 110 -53.47 5.35 6.44
N PHE D 111 -52.20 5.50 6.02
CA PHE D 111 -51.86 6.49 5.00
C PHE D 111 -52.72 6.32 3.76
N TYR D 112 -52.85 5.09 3.26
CA TYR D 112 -53.61 4.91 2.03
C TYR D 112 -55.10 5.10 2.29
N ASP D 113 -55.60 4.62 3.45
CA ASP D 113 -56.97 4.97 3.85
C ASP D 113 -57.14 6.46 3.81
N SER D 114 -56.13 7.18 4.29
CA SER D 114 -56.18 8.63 4.30
C SER D 114 -56.23 9.24 2.91
N GLN D 115 -55.35 8.81 2.02
CA GLN D 115 -55.27 9.54 0.74
C GLN D 115 -56.45 9.17 -0.15
N ASP D 116 -57.02 7.99 0.05
CA ASP D 116 -58.29 7.58 -0.58
C ASP D 116 -59.30 8.65 -0.38
N GLU D 117 -59.07 9.43 0.64
CA GLU D 117 -60.16 10.20 1.19
C GLU D 117 -60.11 11.67 0.79
N ASN D 118 -59.01 12.30 1.15
CA ASN D 118 -59.06 13.74 1.33
C ASN D 118 -57.74 14.46 1.11
N LYS D 119 -56.74 13.79 0.50
CA LYS D 119 -55.34 14.21 0.37
C LYS D 119 -54.66 14.43 1.76
N ARG D 120 -55.31 13.84 2.79
CA ARG D 120 -55.06 14.00 4.21
C ARG D 120 -53.68 13.60 4.69
N GLY D 121 -53.15 12.47 4.20
CA GLY D 121 -52.12 11.73 4.89
C GLY D 121 -50.70 12.24 4.81
N GLU D 122 -50.44 13.21 3.95
CA GLU D 122 -49.08 13.69 3.81
C GLU D 122 -48.65 14.64 4.91
N LEU D 123 -49.59 15.21 5.69
CA LEU D 123 -49.25 16.22 6.70
C LEU D 123 -49.60 15.83 8.12
N MET D 124 -49.89 14.55 8.36
CA MET D 124 -50.26 14.08 9.69
C MET D 124 -49.13 14.24 10.68
N LEU D 125 -47.88 14.19 10.23
CA LEU D 125 -46.81 14.51 11.15
C LEU D 125 -46.74 16.00 11.40
N LYS D 126 -46.88 16.80 10.34
CA LYS D 126 -46.85 18.26 10.51
C LYS D 126 -47.87 18.71 11.55
N ASN D 127 -49.10 18.19 11.46
CA ASN D 127 -50.15 18.58 12.41
C ASN D 127 -49.86 18.06 13.80
N ALA D 128 -49.43 16.81 13.91
CA ALA D 128 -49.12 16.30 15.24
C ALA D 128 -47.97 17.10 15.83
N LEU D 129 -47.18 17.75 14.99
CA LEU D 129 -46.03 18.46 15.50
C LEU D 129 -46.36 19.87 15.97
N GLU D 130 -47.42 20.50 15.46
CA GLU D 130 -47.51 21.89 15.84
C GLU D 130 -47.90 22.09 17.31
N SER D 131 -48.41 21.05 17.98
CA SER D 131 -48.64 21.16 19.42
C SER D 131 -47.37 21.55 20.20
N VAL D 132 -46.18 21.36 19.63
CA VAL D 132 -44.93 21.50 20.39
C VAL D 132 -43.87 22.34 19.70
N VAL D 133 -44.11 22.84 18.48
CA VAL D 133 -43.05 23.47 17.73
C VAL D 133 -42.50 24.72 18.43
N GLY D 134 -43.24 25.26 19.39
CA GLY D 134 -42.72 26.40 20.12
C GLY D 134 -42.06 26.02 21.44
N LEU D 135 -41.67 24.75 21.60
CA LEU D 135 -41.01 24.32 22.83
C LEU D 135 -39.62 23.74 22.59
N TYR D 136 -39.11 23.81 21.36
CA TYR D 136 -37.76 23.35 21.06
C TYR D 136 -37.10 24.36 20.14
N ASP D 137 -35.77 24.38 20.17
CA ASP D 137 -35.04 25.08 19.13
C ASP D 137 -34.95 24.21 17.88
N TYR D 138 -34.69 22.93 18.06
CA TYR D 138 -34.56 22.01 16.94
C TYR D 138 -35.37 20.74 17.16
N ILE D 139 -36.05 20.34 16.09
CA ILE D 139 -36.76 19.08 15.99
C ILE D 139 -36.03 18.29 14.91
N ILE D 140 -35.45 17.14 15.28
CA ILE D 140 -34.71 16.29 14.36
C ILE D 140 -35.54 15.03 14.14
N ILE D 141 -35.87 14.75 12.89
CA ILE D 141 -36.68 13.57 12.58
C ILE D 141 -35.81 12.53 11.90
N ASP D 142 -35.85 11.30 12.45
CA ASP D 142 -35.05 10.19 11.95
C ASP D 142 -36.01 9.34 11.11
N SER D 143 -35.80 9.34 9.73
CA SER D 143 -36.80 8.77 8.82
C SER D 143 -36.45 7.33 8.45
N PRO D 144 -37.40 6.56 7.93
CA PRO D 144 -37.10 5.18 7.56
C PRO D 144 -36.53 5.09 6.16
N PRO D 145 -35.96 3.93 5.77
CA PRO D 145 -35.27 3.79 4.46
C PRO D 145 -36.16 3.45 3.26
N ALA D 146 -36.86 4.47 2.74
CA ALA D 146 -37.56 4.35 1.47
C ALA D 146 -38.17 5.71 1.17
N LEU D 147 -38.87 5.86 0.06
CA LEU D 147 -39.65 7.09 -0.07
C LEU D 147 -41.13 6.84 0.17
N GLY D 148 -41.42 6.20 1.30
CA GLY D 148 -42.76 5.81 1.64
C GLY D 148 -43.47 6.86 2.47
N PRO D 149 -44.68 6.51 2.91
CA PRO D 149 -45.52 7.48 3.62
C PRO D 149 -44.89 8.04 4.88
N LEU D 150 -44.13 7.26 5.64
CA LEU D 150 -43.46 7.83 6.80
C LEU D 150 -42.43 8.88 6.36
N THR D 151 -41.59 8.54 5.39
CA THR D 151 -40.60 9.51 4.95
C THR D 151 -41.29 10.72 4.29
N ILE D 152 -42.43 10.47 3.63
CA ILE D 152 -43.19 11.56 3.03
C ILE D 152 -43.74 12.51 4.11
N ASN D 153 -44.26 11.96 5.21
CA ASN D 153 -44.69 12.79 6.33
C ASN D 153 -43.51 13.58 6.87
N SER D 154 -42.36 12.92 7.03
CA SER D 154 -41.16 13.56 7.56
C SER D 154 -40.72 14.74 6.71
N LEU D 155 -40.61 14.53 5.40
CA LEU D 155 -40.20 15.64 4.55
C LEU D 155 -41.28 16.71 4.42
N SER D 156 -42.56 16.34 4.61
CA SER D 156 -43.66 17.30 4.58
C SER D 156 -43.82 18.06 5.91
N ALA D 157 -43.21 17.58 6.98
CA ALA D 157 -43.29 18.31 8.24
C ALA D 157 -42.12 19.27 8.42
N ALA D 158 -41.08 19.18 7.59
CA ALA D 158 -39.77 19.75 7.86
C ALA D 158 -39.59 21.10 7.19
N HIS D 159 -38.76 21.95 7.81
CA HIS D 159 -38.23 23.12 7.12
C HIS D 159 -37.03 22.77 6.24
N SER D 160 -36.11 21.93 6.76
CA SER D 160 -34.84 21.68 6.09
C SER D 160 -34.54 20.20 6.12
N VAL D 161 -33.65 19.80 5.21
CA VAL D 161 -33.39 18.38 4.97
C VAL D 161 -31.91 18.11 5.03
N ILE D 162 -31.48 17.17 5.88
CA ILE D 162 -30.10 16.64 5.88
C ILE D 162 -30.05 15.30 5.12
N ILE D 163 -29.19 15.19 4.12
CA ILE D 163 -28.99 13.98 3.31
C ILE D 163 -27.65 13.31 3.65
N PRO D 164 -27.64 12.28 4.49
CA PRO D 164 -26.41 11.55 4.72
C PRO D 164 -26.12 10.61 3.56
N ILE D 165 -24.85 10.55 3.15
CA ILE D 165 -24.48 9.87 1.91
C ILE D 165 -23.31 8.97 2.21
N GLN D 166 -23.49 7.67 2.00
CA GLN D 166 -22.39 6.71 2.01
C GLN D 166 -21.85 6.64 0.57
N CYS D 167 -20.54 6.73 0.41
CA CYS D 167 -19.97 7.03 -0.92
C CYS D 167 -19.67 5.76 -1.73
N GLU D 168 -20.72 5.01 -2.08
CA GLU D 168 -20.63 3.81 -2.93
C GLU D 168 -21.54 3.92 -4.14
N PHE D 169 -21.53 2.87 -4.95
CA PHE D 169 -21.94 2.97 -6.34
C PHE D 169 -23.35 3.55 -6.50
N PHE D 170 -24.29 3.12 -5.70
CA PHE D 170 -25.67 3.58 -5.87
C PHE D 170 -25.99 4.93 -5.19
N ALA D 171 -25.02 5.63 -4.60
CA ALA D 171 -25.39 6.88 -3.92
C ALA D 171 -25.99 7.89 -4.89
N LEU D 172 -25.41 8.02 -6.08
CA LEU D 172 -25.91 9.00 -7.03
C LEU D 172 -27.40 8.81 -7.25
N GLU D 173 -27.77 7.63 -7.71
CA GLU D 173 -29.16 7.31 -7.94
C GLU D 173 -30.01 7.66 -6.73
N GLY D 174 -29.57 7.23 -5.54
CA GLY D 174 -30.40 7.42 -4.37
C GLY D 174 -30.73 8.88 -4.17
N THR D 175 -29.70 9.74 -4.23
CA THR D 175 -29.94 11.16 -4.03
C THR D 175 -30.86 11.68 -5.13
N LYS D 176 -30.58 11.35 -6.39
CA LYS D 176 -31.46 11.80 -7.47
C LYS D 176 -32.91 11.42 -7.16
N LEU D 177 -33.13 10.17 -6.75
CA LEU D 177 -34.46 9.73 -6.38
C LEU D 177 -35.03 10.60 -5.26
N LEU D 178 -34.28 10.73 -4.17
CA LEU D 178 -34.72 11.55 -3.05
C LEU D 178 -35.01 12.97 -3.51
N LEU D 179 -34.13 13.52 -4.35
CA LEU D 179 -34.30 14.90 -4.76
C LEU D 179 -35.59 15.06 -5.52
N ASN D 180 -35.94 14.05 -6.32
CA ASN D 180 -37.11 14.24 -7.14
C ASN D 180 -38.33 14.24 -6.25
N THR D 181 -38.32 13.40 -5.20
CA THR D 181 -39.41 13.48 -4.24
C THR D 181 -39.45 14.82 -3.55
N ILE D 182 -38.28 15.31 -3.08
CA ILE D 182 -38.29 16.58 -2.34
C ILE D 182 -38.94 17.58 -3.22
N ARG D 183 -38.65 17.47 -4.50
CA ARG D 183 -38.91 18.68 -5.23
C ARG D 183 -40.35 18.61 -5.72
N MET D 184 -40.90 17.41 -5.83
CA MET D 184 -42.34 17.30 -6.03
C MET D 184 -43.07 17.78 -4.78
N LEU D 185 -42.56 17.51 -3.61
CA LEU D 185 -43.23 18.09 -2.42
C LEU D 185 -43.04 19.58 -2.30
N GLN D 186 -41.95 20.14 -2.85
CA GLN D 186 -41.84 21.60 -2.80
C GLN D 186 -42.90 22.29 -3.66
N LYS D 187 -43.41 21.63 -4.68
CA LYS D 187 -44.53 22.24 -5.39
C LYS D 187 -45.88 21.78 -4.86
N SER D 188 -45.89 20.68 -4.11
CA SER D 188 -47.12 20.11 -3.57
C SER D 188 -47.36 20.66 -2.18
N THR D 189 -46.96 19.88 -1.17
CA THR D 189 -47.40 20.06 0.20
C THR D 189 -46.54 21.07 0.95
N ASN D 190 -45.22 21.04 0.75
CA ASN D 190 -44.29 21.79 1.60
C ASN D 190 -43.39 22.66 0.74
N PRO D 191 -43.86 23.86 0.36
CA PRO D 191 -43.12 24.66 -0.62
C PRO D 191 -41.88 25.35 -0.10
N LYS D 192 -41.79 25.65 1.18
CA LYS D 192 -40.60 26.25 1.74
C LYS D 192 -39.52 25.22 2.12
N LEU D 193 -39.72 23.93 1.79
CA LEU D 193 -38.76 22.89 2.13
C LEU D 193 -37.47 23.05 1.33
N LYS D 194 -36.34 23.11 2.04
CA LYS D 194 -35.03 23.37 1.45
C LYS D 194 -34.03 22.31 1.86
N ILE D 195 -33.04 22.13 1.01
CA ILE D 195 -31.94 21.23 1.31
C ILE D 195 -30.93 21.95 2.19
N ARG D 196 -30.73 21.43 3.41
CA ARG D 196 -29.77 22.00 4.33
C ARG D 196 -28.37 21.45 4.10
N GLY D 197 -28.23 20.24 3.55
CA GLY D 197 -26.90 19.82 3.18
C GLY D 197 -26.78 18.34 2.91
N PHE D 198 -25.81 17.97 2.08
CA PHE D 198 -25.37 16.58 1.97
C PHE D 198 -24.25 16.35 2.96
N LEU D 199 -24.25 15.18 3.58
CA LEU D 199 -23.30 14.83 4.63
C LEU D 199 -22.70 13.46 4.36
N PRO D 200 -21.44 13.38 3.96
CA PRO D 200 -20.81 12.07 3.71
C PRO D 200 -20.52 11.33 5.00
N THR D 201 -20.89 10.07 4.99
CA THR D 201 -20.85 9.16 6.13
C THR D 201 -19.85 8.05 5.89
N MET D 202 -19.42 7.44 6.97
CA MET D 202 -18.58 6.26 6.91
C MET D 202 -17.47 6.44 5.91
N HIS D 203 -16.94 7.64 5.90
CA HIS D 203 -16.06 8.10 4.85
C HIS D 203 -14.64 7.61 5.09
N VAL D 204 -14.10 6.83 4.15
CA VAL D 204 -12.68 6.46 4.17
C VAL D 204 -12.09 7.04 2.87
N PRO D 205 -11.30 8.11 3.00
CA PRO D 205 -10.89 8.91 1.84
C PRO D 205 -9.95 8.21 0.87
N GLN D 206 -9.29 7.12 1.29
CA GLN D 206 -8.28 6.48 0.44
C GLN D 206 -8.86 5.59 -0.65
N LEU D 207 -10.15 5.26 -0.60
CA LEU D 207 -10.71 4.31 -1.57
C LEU D 207 -10.99 4.97 -2.91
N ASN D 208 -10.68 4.23 -3.98
CA ASN D 208 -10.93 4.77 -5.32
C ASN D 208 -12.41 4.96 -5.56
N LEU D 209 -13.22 4.02 -5.09
CA LEU D 209 -14.67 4.17 -5.21
C LEU D 209 -15.19 5.37 -4.42
N THR D 210 -14.60 5.63 -3.26
CA THR D 210 -14.98 6.82 -2.51
C THR D 210 -14.64 8.07 -3.29
N LYS D 211 -13.42 8.12 -3.82
CA LYS D 211 -13.00 9.27 -4.61
C LYS D 211 -13.89 9.49 -5.82
N GLY D 212 -14.28 8.39 -6.47
CA GLY D 212 -15.08 8.45 -7.69
C GLY D 212 -16.51 8.86 -7.46
N VAL D 213 -17.13 8.32 -6.40
CA VAL D 213 -18.47 8.73 -6.02
C VAL D 213 -18.48 10.17 -5.53
N LEU D 214 -17.49 10.59 -4.74
CA LEU D 214 -17.46 11.99 -4.30
C LEU D 214 -17.24 12.95 -5.48
N ALA D 215 -16.44 12.56 -6.47
CA ALA D 215 -16.28 13.42 -7.65
C ALA D 215 -17.58 13.51 -8.44
N GLU D 216 -18.21 12.38 -8.63
CA GLU D 216 -19.48 12.38 -9.32
C GLU D 216 -20.55 13.20 -8.59
N LEU D 217 -20.54 13.18 -7.25
CA LEU D 217 -21.49 13.98 -6.51
C LEU D 217 -21.11 15.47 -6.56
N PHE D 218 -19.81 15.77 -6.47
CA PHE D 218 -19.37 17.17 -6.40
C PHE D 218 -19.76 17.91 -7.65
N LYS D 219 -19.55 17.27 -8.80
CA LYS D 219 -19.89 17.83 -10.10
C LYS D 219 -21.34 18.31 -10.21
N TYR D 220 -22.27 17.71 -9.45
CA TYR D 220 -23.66 18.18 -9.49
C TYR D 220 -24.15 18.90 -8.26
N PHE D 221 -23.45 18.78 -7.12
CA PHE D 221 -24.02 19.16 -5.84
C PHE D 221 -23.04 19.84 -4.89
N ASP D 222 -21.84 20.20 -5.35
CA ASP D 222 -20.80 20.76 -4.48
C ASP D 222 -21.33 21.82 -3.51
N SER D 223 -22.20 22.70 -4.03
CA SER D 223 -22.76 23.80 -3.25
C SER D 223 -23.45 23.30 -1.98
N GLU D 224 -24.17 22.18 -2.09
CA GLU D 224 -25.01 21.62 -1.03
C GLU D 224 -24.24 20.91 0.08
N PHE D 225 -22.94 20.71 -0.06
CA PHE D 225 -22.23 19.91 0.91
C PHE D 225 -21.88 20.75 2.13
N PHE D 226 -22.11 20.15 3.31
CA PHE D 226 -21.83 20.78 4.58
C PHE D 226 -20.36 21.19 4.65
N ARG D 227 -20.13 22.39 5.22
CA ARG D 227 -18.80 22.95 5.31
C ARG D 227 -18.56 23.51 6.70
N ASP D 228 -17.31 23.43 7.13
CA ASP D 228 -16.85 24.09 8.34
C ASP D 228 -16.59 25.57 7.99
N SER D 229 -17.41 26.47 8.57
CA SER D 229 -17.30 27.90 8.26
C SER D 229 -15.89 28.44 8.48
N ALA D 230 -15.24 28.00 9.56
CA ALA D 230 -13.91 28.49 9.88
C ALA D 230 -12.98 28.33 8.69
N THR D 231 -12.86 27.10 8.17
CA THR D 231 -11.91 26.84 7.11
C THR D 231 -12.54 26.61 5.74
N GLY D 232 -13.87 26.45 5.68
CA GLY D 232 -14.50 26.05 4.43
C GLY D 232 -14.28 24.61 4.04
N GLU D 233 -13.67 23.80 4.92
CA GLU D 233 -13.48 22.39 4.65
C GLU D 233 -14.79 21.63 4.67
N TYR D 234 -14.89 20.58 3.82
CA TYR D 234 -16.04 19.68 3.88
C TYR D 234 -16.13 19.06 5.27
N ILE D 235 -17.35 18.89 5.74
CA ILE D 235 -17.58 18.08 6.94
C ILE D 235 -17.98 16.68 6.48
N MET D 236 -17.15 15.69 6.80
CA MET D 236 -17.51 14.31 6.51
C MET D 236 -17.35 13.46 7.75
N ILE D 237 -18.31 12.56 7.96
CA ILE D 237 -18.21 11.72 9.15
C ILE D 237 -17.21 10.61 8.85
N PRO D 238 -16.12 10.50 9.62
CA PRO D 238 -15.19 9.40 9.39
C PRO D 238 -15.83 8.07 9.71
N LYS D 239 -15.36 7.02 9.01
CA LYS D 239 -15.74 5.68 9.42
C LYS D 239 -15.01 5.40 10.74
N SER D 240 -15.76 5.07 11.77
CA SER D 240 -15.21 5.03 13.12
C SER D 240 -16.02 4.01 13.91
N VAL D 241 -15.38 2.89 14.27
CA VAL D 241 -16.06 1.84 15.02
C VAL D 241 -16.61 2.38 16.34
N LYS D 242 -16.01 3.42 16.89
CA LYS D 242 -16.57 3.99 18.10
C LYS D 242 -18.03 4.42 17.92
N LEU D 243 -18.38 4.95 16.76
CA LEU D 243 -19.73 5.43 16.52
C LEU D 243 -20.72 4.29 16.35
N ALA D 244 -20.25 3.12 15.93
CA ALA D 244 -21.14 1.96 15.90
C ALA D 244 -21.26 1.29 17.27
N GLU D 245 -20.23 1.35 18.11
CA GLU D 245 -20.39 0.76 19.42
C GLU D 245 -21.14 1.68 20.38
N SER D 246 -21.15 2.99 20.14
CA SER D 246 -21.83 3.91 21.06
C SER D 246 -23.27 3.53 21.35
N PRO D 247 -24.12 3.27 20.37
CA PRO D 247 -25.50 2.86 20.70
C PRO D 247 -25.58 1.56 21.44
N SER D 248 -24.54 0.71 21.41
CA SER D 248 -24.64 -0.46 22.27
C SER D 248 -24.59 -0.06 23.72
N PHE D 249 -24.14 1.15 23.99
CA PHE D 249 -24.11 1.71 25.32
C PHE D 249 -25.26 2.66 25.56
N GLY D 250 -26.21 2.73 24.63
CA GLY D 250 -27.30 3.65 24.81
C GLY D 250 -26.86 5.10 24.91
N LYS D 251 -25.70 5.44 24.34
CA LYS D 251 -25.21 6.80 24.42
C LYS D 251 -24.95 7.38 23.03
N PRO D 252 -25.04 8.70 22.91
CA PRO D 252 -24.46 9.38 21.75
C PRO D 252 -22.95 9.51 21.93
N ILE D 253 -22.23 9.58 20.80
CA ILE D 253 -20.77 9.51 20.86
C ILE D 253 -20.16 10.56 21.79
N LEU D 254 -20.80 11.71 21.91
CA LEU D 254 -20.23 12.74 22.78
C LEU D 254 -20.25 12.33 24.25
N LEU D 255 -21.18 11.50 24.67
CA LEU D 255 -21.02 10.90 26.01
C LEU D 255 -20.20 9.62 26.01
N TYR D 256 -20.17 8.88 24.91
CA TYR D 256 -19.42 7.63 24.90
C TYR D 256 -17.90 7.88 24.70
N ASP D 257 -17.51 8.82 23.82
CA ASP D 257 -16.09 9.17 23.68
C ASP D 257 -15.95 10.50 22.93
N ILE D 258 -15.84 11.59 23.69
CA ILE D 258 -15.85 12.96 23.17
C ILE D 258 -14.67 13.30 22.26
N LYS D 259 -13.61 12.49 22.24
CA LYS D 259 -12.44 12.85 21.45
C LYS D 259 -12.24 11.99 20.21
N SER D 260 -13.00 10.92 20.07
CA SER D 260 -13.15 10.20 18.81
C SER D 260 -13.36 11.16 17.63
N ASN D 261 -12.88 10.74 16.46
CA ASN D 261 -13.07 11.51 15.22
C ASN D 261 -14.55 11.62 14.84
N GLY D 262 -15.32 10.57 15.08
CA GLY D 262 -16.74 10.65 14.86
C GLY D 262 -17.39 11.77 15.64
N SER D 263 -17.03 11.91 16.92
CA SER D 263 -17.69 12.94 17.70
C SER D 263 -17.23 14.33 17.27
N ILE D 264 -15.96 14.49 16.91
CA ILE D 264 -15.48 15.79 16.47
C ILE D 264 -16.18 16.21 15.18
N ALA D 265 -16.35 15.26 14.24
CA ALA D 265 -17.05 15.58 13.00
C ALA D 265 -18.52 15.94 13.25
N TYR D 266 -19.18 15.21 14.13
CA TYR D 266 -20.56 15.58 14.39
C TYR D 266 -20.67 16.92 15.14
N GLN D 267 -19.69 17.26 15.97
CA GLN D 267 -19.80 18.57 16.61
C GLN D 267 -19.55 19.70 15.61
N LYS D 268 -18.71 19.47 14.60
CA LYS D 268 -18.56 20.48 13.55
C LYS D 268 -19.83 20.59 12.70
N LEU D 269 -20.50 19.49 12.50
CA LEU D 269 -21.80 19.57 11.82
C LEU D 269 -22.78 20.40 12.64
N ALA D 270 -22.83 20.15 13.95
CA ALA D 270 -23.70 20.92 14.83
C ALA D 270 -23.39 22.40 14.74
N GLN D 271 -22.09 22.73 14.80
CA GLN D 271 -21.72 24.13 14.74
C GLN D 271 -22.15 24.74 13.43
N SER D 272 -22.00 24.00 12.34
CA SER D 272 -22.28 24.56 11.01
C SER D 272 -23.76 24.85 10.84
N ILE D 273 -24.60 23.95 11.33
CA ILE D 273 -26.04 24.20 11.40
C ILE D 273 -26.37 25.36 12.33
N LEU D 274 -25.59 25.57 13.39
CA LEU D 274 -25.98 26.63 14.32
C LEU D 274 -25.77 27.99 13.67
N GLN D 275 -24.90 28.05 12.68
CA GLN D 275 -24.68 29.29 11.94
C GLN D 275 -25.84 29.72 11.05
N GLY D 276 -26.85 28.89 10.90
CA GLY D 276 -27.89 29.11 9.92
C GLY D 276 -27.84 27.86 9.06
#